data_7Q5I
#
_entry.id   7Q5I
#
_cell.length_a   128.602
_cell.length_b   128.602
_cell.length_c   116.710
_cell.angle_alpha   90.000
_cell.angle_beta   90.000
_cell.angle_gamma   90.000
#
_symmetry.space_group_name_H-M   'P 43 21 2'
#
loop_
_entity.id
_entity.type
_entity.pdbx_description
1 polymer 'Glycogen phosphorylase, muscle form'
2 non-polymer 2-cyano-3-[4-(dimethylamino)phenyl]-~{N}-[(2~{R},3~{R},4~{S},5~{S},6~{R})-6-(hydroxymethyl)-3,4,5-tris(oxidanyl)oxan-2-yl]propanamide
3 non-polymer 'CARBONATE ION'
4 non-polymer BETA-MERCAPTOETHANOL
5 water water
#
_entity_poly.entity_id   1
_entity_poly.type   'polypeptide(L)'
_entity_poly.pdbx_seq_one_letter_code
;MSRPLSDQEKRKQISVRGLAGVENVTELKKNFNRHLHFTLVKDRNVATPRDYYFALAHTVRDHLVGRWIRTQQHYYEKDP
KRIYYLSLEFYMGRTLQNTMVNLALENACDEATYQLGLDMEELEEIEEDAGLGNGGLGRLAACFLDSMATLGLAAYGYGI
RYEFGIFNQKICGGWQMEEADDWLRYGNPWEKARPEFTLPVHFYGRVEHTSQGAKWVDTQVVLAMPYDTPVPGYRNNVVN
TMRLWSAKAPNDFNLKDFNVGGYIQAVLDRNLAENISRVLYPNDNFFEGKELRLKQEYFVVAATLQDIIRRFKSSKFGCR
DPVRTNFDAFPDKVAIQLNDTHPSLAIPELMRVLVDLERLDWDKAWEVTVKTCAYTNHTVLPEALERWPVHLLETLLPRH
LQIIYEINQRFLNRVAAAFPGDVDRLRRMSLVEEGAVKRINMAHLCIAGSHAVNGVARIHSEILKKTIFKDFYELEPHKF
QNKTNGITPRRWLVLCNPGLAEIIAERIGEEYISDLDQLRKLLSYVDDEAFIRDVAKVKQENKLKFAAYLEREYKVHINP
NSLFDVQVKRIHEYKRQLLNCLHVITLYNRIKKEPNKFVVPRTVMIGGKAAPGYHMAKMIIKLITAIGDVVNHDPVVGDR
LRVIFLENYRVSLAEKVIPAADLSEQISTAGTEASGTGNM(LLP)FMLNGALTIGTMDGANVEMAEEAGEENFFIFGMRV
EDVDRLDQRGYNAQEYYDRIPELRQIIEQLSSGFFSPKQPDLFKDIVNMLMHHDRFKVFADYEEYVKCQERVSALYKNPR
EWTRMVIRNIATSGKFSSDRTIAQYAREIWGVEPSRQRLPAPDEKIP
;
_entity_poly.pdbx_strand_id   AAA
#
loop_
_chem_comp.id
_chem_comp.type
_chem_comp.name
_chem_comp.formula
BME non-polymer BETA-MERCAPTOETHANOL 'C2 H6 O S'
CO3 non-polymer 'CARBONATE ION' 'C O3 -2'
I0F non-polymer 2-cyano-3-[4-(dimethylamino)phenyl]-~{N}-[(2~{R},3~{R},4~{S},5~{S},6~{R})-6-(hydroxymethyl)-3,4,5-tris(oxidanyl)oxan-2-yl]propanamide 'C18 H23 N3 O6'
#
# COMPACT_ATOMS: atom_id res chain seq x y z
N ILE A 14 -17.95 -1.71 -24.68
CA ILE A 14 -17.04 -2.61 -23.89
C ILE A 14 -17.91 -3.60 -23.10
N SER A 15 -17.91 -4.88 -23.48
CA SER A 15 -18.73 -5.97 -22.86
C SER A 15 -18.41 -6.13 -21.37
N VAL A 16 -17.13 -6.01 -20.95
CA VAL A 16 -16.69 -6.24 -19.54
C VAL A 16 -17.34 -5.20 -18.60
N ARG A 17 -17.80 -4.05 -19.14
CA ARG A 17 -18.46 -2.96 -18.36
C ARG A 17 -19.93 -3.27 -18.07
N GLY A 18 -20.48 -4.39 -18.57
CA GLY A 18 -21.81 -4.91 -18.20
C GLY A 18 -22.92 -4.48 -19.15
N LEU A 19 -24.17 -4.84 -18.82
CA LEU A 19 -25.39 -4.56 -19.64
C LEU A 19 -26.00 -3.20 -19.30
N ALA A 20 -26.52 -2.50 -20.32
CA ALA A 20 -27.34 -1.28 -20.19
C ALA A 20 -28.80 -1.60 -20.55
N GLY A 21 -29.48 -2.36 -19.70
CA GLY A 21 -30.91 -2.72 -19.83
C GLY A 21 -31.81 -1.49 -19.78
N VAL A 22 -32.89 -1.51 -20.58
CA VAL A 22 -33.91 -0.42 -20.70
C VAL A 22 -34.43 -0.06 -19.30
N GLU A 23 -34.89 -1.08 -18.56
CA GLU A 23 -35.47 -0.92 -17.20
C GLU A 23 -34.40 -0.39 -16.23
N ASN A 24 -33.18 -0.92 -16.30
CA ASN A 24 -32.07 -0.50 -15.41
C ASN A 24 -31.78 0.99 -15.65
N VAL A 25 -31.57 1.40 -16.90
CA VAL A 25 -31.21 2.81 -17.24
C VAL A 25 -32.33 3.74 -16.77
N THR A 26 -33.59 3.32 -16.92
CA THR A 26 -34.79 4.12 -16.52
C THR A 26 -34.77 4.36 -15.00
N GLU A 27 -34.58 3.31 -14.20
CA GLU A 27 -34.60 3.36 -12.71
C GLU A 27 -33.40 4.17 -12.17
N LEU A 28 -32.23 4.07 -12.81
CA LEU A 28 -31.02 4.86 -12.43
C LEU A 28 -31.29 6.35 -12.66
N LYS A 29 -31.86 6.72 -13.81
CA LYS A 29 -32.19 8.15 -14.14
C LYS A 29 -33.16 8.69 -13.10
N LYS A 30 -34.17 7.90 -12.74
CA LYS A 30 -35.22 8.24 -11.74
C LYS A 30 -34.58 8.48 -10.36
N ASN A 31 -33.72 7.56 -9.92
CA ASN A 31 -33.09 7.60 -8.57
C ASN A 31 -32.05 8.72 -8.52
N PHE A 32 -31.36 8.99 -9.63
CA PHE A 32 -30.43 10.13 -9.76
C PHE A 32 -31.19 11.44 -9.51
N ASN A 33 -32.34 11.61 -10.17
CA ASN A 33 -33.15 12.85 -10.09
C ASN A 33 -33.74 12.96 -8.68
N ARG A 34 -34.11 11.84 -8.06
CA ARG A 34 -34.61 11.78 -6.67
C ARG A 34 -33.53 12.30 -5.71
N HIS A 35 -32.30 11.81 -5.83
CA HIS A 35 -31.18 12.20 -4.93
C HIS A 35 -30.84 13.67 -5.16
N LEU A 36 -30.83 14.14 -6.41
CA LEU A 36 -30.48 15.56 -6.71
C LEU A 36 -31.46 16.48 -5.97
N HIS A 37 -32.75 16.11 -5.96
CA HIS A 37 -33.85 16.92 -5.37
C HIS A 37 -33.87 16.74 -3.85
N PHE A 38 -34.10 15.53 -3.36
CA PHE A 38 -34.37 15.25 -1.92
C PHE A 38 -33.07 15.19 -1.11
N THR A 39 -31.98 14.65 -1.66
CA THR A 39 -30.73 14.42 -0.88
C THR A 39 -29.88 15.69 -0.92
N LEU A 40 -29.67 16.26 -2.10
CA LEU A 40 -28.76 17.40 -2.28
C LEU A 40 -29.53 18.72 -2.20
N VAL A 41 -30.85 18.69 -2.33
CA VAL A 41 -31.72 19.91 -2.26
C VAL A 41 -31.21 20.91 -3.31
N LYS A 42 -31.12 20.44 -4.55
CA LYS A 42 -30.78 21.26 -5.74
C LYS A 42 -31.82 21.00 -6.83
N ASP A 43 -31.90 21.87 -7.83
CA ASP A 43 -32.53 21.57 -9.13
C ASP A 43 -31.45 21.74 -10.20
N ARG A 44 -31.74 21.36 -11.45
CA ARG A 44 -30.77 21.31 -12.56
C ARG A 44 -30.32 22.73 -12.95
N ASN A 45 -30.92 23.78 -12.38
CA ASN A 45 -30.57 25.18 -12.69
C ASN A 45 -29.34 25.63 -11.88
N VAL A 46 -29.20 25.10 -10.67
CA VAL A 46 -28.15 25.55 -9.69
C VAL A 46 -27.04 24.49 -9.58
N ALA A 47 -27.28 23.26 -10.06
CA ALA A 47 -26.42 22.08 -9.82
C ALA A 47 -25.05 22.27 -10.49
N THR A 48 -23.97 22.02 -9.74
CA THR A 48 -22.57 21.99 -10.23
C THR A 48 -22.20 20.54 -10.57
N PRO A 49 -21.09 20.30 -11.30
CA PRO A 49 -20.60 18.94 -11.50
C PRO A 49 -20.48 18.16 -10.18
N ARG A 50 -20.09 18.81 -9.08
CA ARG A 50 -19.91 18.14 -7.78
C ARG A 50 -21.26 17.60 -7.32
N ASP A 51 -22.34 18.36 -7.51
CA ASP A 51 -23.70 17.91 -7.12
C ASP A 51 -24.06 16.64 -7.91
N TYR A 52 -23.72 16.63 -9.20
CA TYR A 52 -24.02 15.49 -10.11
C TYR A 52 -23.22 14.27 -9.66
N TYR A 53 -21.95 14.44 -9.30
CA TYR A 53 -21.13 13.35 -8.72
C TYR A 53 -21.86 12.77 -7.50
N PHE A 54 -22.28 13.60 -6.56
CA PHE A 54 -22.95 13.14 -5.31
C PHE A 54 -24.27 12.44 -5.62
N ALA A 55 -25.05 12.94 -6.59
CA ALA A 55 -26.33 12.28 -6.95
C ALA A 55 -26.01 10.88 -7.48
N LEU A 56 -24.97 10.74 -8.30
CA LEU A 56 -24.57 9.43 -8.87
C LEU A 56 -24.10 8.52 -7.74
N ALA A 57 -23.25 9.03 -6.83
CA ALA A 57 -22.68 8.24 -5.71
C ALA A 57 -23.80 7.67 -4.84
N HIS A 58 -24.77 8.52 -4.44
CA HIS A 58 -25.95 8.10 -3.65
C HIS A 58 -26.78 7.06 -4.42
N THR A 59 -26.94 7.22 -5.73
CA THR A 59 -27.71 6.28 -6.58
C THR A 59 -27.03 4.90 -6.55
N VAL A 60 -25.72 4.87 -6.74
CA VAL A 60 -24.94 3.59 -6.74
C VAL A 60 -24.95 2.99 -5.34
N ARG A 61 -24.77 3.80 -4.30
CA ARG A 61 -24.75 3.33 -2.91
C ARG A 61 -26.05 2.60 -2.58
N ASP A 62 -27.19 3.09 -3.08
CA ASP A 62 -28.52 2.45 -2.84
C ASP A 62 -28.49 0.97 -3.25
N HIS A 63 -27.79 0.63 -4.32
CA HIS A 63 -27.67 -0.76 -4.84
C HIS A 63 -26.85 -1.66 -3.90
N LEU A 64 -25.99 -1.08 -3.04
CA LEU A 64 -25.15 -1.86 -2.09
C LEU A 64 -25.98 -2.31 -0.88
N VAL A 65 -26.99 -1.52 -0.49
CA VAL A 65 -27.56 -1.59 0.88
C VAL A 65 -28.21 -2.95 1.13
N GLY A 66 -29.05 -3.43 0.21
CA GLY A 66 -29.75 -4.72 0.38
C GLY A 66 -28.75 -5.85 0.54
N ARG A 67 -27.74 -5.87 -0.32
CA ARG A 67 -26.65 -6.87 -0.32
C ARG A 67 -25.85 -6.76 0.98
N TRP A 68 -25.60 -5.54 1.45
CA TRP A 68 -24.85 -5.29 2.72
C TRP A 68 -25.61 -5.88 3.91
N ILE A 69 -26.90 -5.56 4.06
CA ILE A 69 -27.75 -6.11 5.16
C ILE A 69 -27.83 -7.63 5.02
N ARG A 70 -28.04 -8.16 3.81
CA ARG A 70 -28.24 -9.61 3.58
C ARG A 70 -26.94 -10.36 3.90
N THR A 71 -25.80 -9.81 3.49
CA THR A 71 -24.47 -10.43 3.77
C THR A 71 -24.30 -10.57 5.28
N GLN A 72 -24.50 -9.49 6.05
CA GLN A 72 -24.26 -9.52 7.52
C GLN A 72 -25.29 -10.44 8.18
N GLN A 73 -26.53 -10.46 7.70
CA GLN A 73 -27.57 -11.40 8.21
C GLN A 73 -27.08 -12.84 7.96
N HIS A 74 -26.59 -13.13 6.75
CA HIS A 74 -26.05 -14.46 6.34
C HIS A 74 -24.94 -14.90 7.32
N TYR A 75 -23.98 -14.03 7.65
CA TYR A 75 -22.88 -14.34 8.59
C TYR A 75 -23.45 -14.61 9.99
N TYR A 76 -24.48 -13.89 10.40
CA TYR A 76 -25.13 -14.13 11.73
C TYR A 76 -25.75 -15.52 11.76
N GLU A 77 -26.37 -15.97 10.66
CA GLU A 77 -27.12 -17.25 10.59
C GLU A 77 -26.16 -18.43 10.50
N LYS A 78 -25.18 -18.37 9.59
CA LYS A 78 -24.20 -19.47 9.33
C LYS A 78 -23.08 -19.48 10.38
N ASP A 79 -22.84 -18.37 11.08
CA ASP A 79 -21.78 -18.20 12.12
C ASP A 79 -20.44 -18.76 11.63
N PRO A 80 -19.89 -18.32 10.49
CA PRO A 80 -18.60 -18.83 10.02
C PRO A 80 -17.50 -18.24 10.91
N LYS A 81 -16.30 -18.80 10.84
CA LYS A 81 -15.10 -18.17 11.45
C LYS A 81 -14.92 -16.79 10.81
N ARG A 82 -14.70 -15.76 11.63
CA ARG A 82 -14.57 -14.35 11.18
C ARG A 82 -13.09 -13.97 11.13
N ILE A 83 -12.69 -13.25 10.09
CA ILE A 83 -11.30 -12.77 9.86
C ILE A 83 -11.29 -11.28 10.16
N TYR A 84 -10.42 -10.86 11.07
CA TYR A 84 -10.26 -9.45 11.46
C TYR A 84 -8.88 -9.00 10.99
N TYR A 85 -8.87 -8.13 9.98
CA TYR A 85 -7.63 -7.59 9.39
C TYR A 85 -7.37 -6.22 10.02
N LEU A 86 -6.44 -6.17 10.98
CA LEU A 86 -6.11 -4.94 11.75
C LEU A 86 -4.98 -4.21 11.05
N SER A 87 -5.22 -2.97 10.65
CA SER A 87 -4.20 -2.14 9.95
C SER A 87 -4.36 -0.69 10.39
N LEU A 88 -3.24 0.02 10.51
CA LEU A 88 -3.28 1.47 10.77
C LEU A 88 -3.48 2.20 9.44
N GLU A 89 -3.46 1.47 8.32
CA GLU A 89 -3.53 2.09 6.96
C GLU A 89 -4.48 1.29 6.07
N PHE A 90 -5.36 2.00 5.38
CA PHE A 90 -6.21 1.45 4.29
C PHE A 90 -6.19 2.47 3.15
N TYR A 91 -5.38 2.21 2.13
CA TYR A 91 -5.12 3.15 1.02
C TYR A 91 -6.13 2.84 -0.09
N MET A 92 -7.37 3.30 0.08
CA MET A 92 -8.56 2.83 -0.67
C MET A 92 -8.66 3.51 -2.04
N GLY A 93 -8.19 4.75 -2.18
CA GLY A 93 -8.42 5.56 -3.39
C GLY A 93 -9.90 5.89 -3.55
N ARG A 94 -10.37 6.06 -4.79
CA ARG A 94 -11.79 6.37 -5.09
C ARG A 94 -12.63 5.09 -5.05
N THR A 95 -13.94 5.23 -4.79
CA THR A 95 -14.91 4.12 -4.55
C THR A 95 -15.96 4.02 -5.67
N LEU A 96 -16.30 5.11 -6.36
CA LEU A 96 -17.48 5.13 -7.28
C LEU A 96 -17.28 4.07 -8.38
N GLN A 97 -16.18 4.15 -9.15
CA GLN A 97 -15.96 3.26 -10.32
C GLN A 97 -15.80 1.82 -9.82
N ASN A 98 -15.05 1.63 -8.74
CA ASN A 98 -14.84 0.27 -8.17
C ASN A 98 -16.18 -0.37 -7.83
N THR A 99 -17.10 0.40 -7.23
CA THR A 99 -18.43 -0.12 -6.83
C THR A 99 -19.23 -0.51 -8.09
N MET A 100 -19.19 0.31 -9.12
CA MET A 100 -19.96 0.06 -10.38
C MET A 100 -19.42 -1.21 -11.02
N VAL A 101 -18.10 -1.37 -11.06
CA VAL A 101 -17.43 -2.56 -11.65
C VAL A 101 -17.90 -3.82 -10.93
N ASN A 102 -17.87 -3.83 -9.60
N ASN A 102 -17.87 -3.82 -9.60
CA ASN A 102 -18.15 -5.04 -8.78
CA ASN A 102 -18.16 -5.01 -8.76
C ASN A 102 -19.65 -5.36 -8.77
C ASN A 102 -19.65 -5.35 -8.78
N LEU A 103 -20.53 -4.39 -9.09
CA LEU A 103 -22.00 -4.62 -9.14
C LEU A 103 -22.48 -4.77 -10.60
N ALA A 104 -21.60 -4.62 -11.58
CA ALA A 104 -21.89 -4.76 -13.04
C ALA A 104 -22.82 -3.62 -13.49
N LEU A 105 -22.62 -2.40 -12.97
CA LEU A 105 -23.49 -1.22 -13.20
C LEU A 105 -22.81 -0.19 -14.11
N GLU A 106 -21.57 -0.42 -14.55
CA GLU A 106 -20.77 0.66 -15.21
C GLU A 106 -21.45 1.13 -16.51
N ASN A 107 -21.86 0.22 -17.39
CA ASN A 107 -22.44 0.59 -18.72
C ASN A 107 -23.82 1.25 -18.51
N ALA A 108 -24.61 0.70 -17.59
CA ALA A 108 -25.95 1.22 -17.21
C ALA A 108 -25.82 2.66 -16.71
N CYS A 109 -24.87 2.93 -15.81
CA CYS A 109 -24.65 4.30 -15.26
C CYS A 109 -24.12 5.22 -16.36
N ASP A 110 -23.25 4.70 -17.23
CA ASP A 110 -22.69 5.47 -18.37
C ASP A 110 -23.84 5.94 -19.27
N GLU A 111 -24.75 5.01 -19.60
CA GLU A 111 -25.93 5.26 -20.47
C GLU A 111 -26.87 6.26 -19.77
N ALA A 112 -27.24 5.98 -18.51
CA ALA A 112 -28.16 6.81 -17.68
C ALA A 112 -27.64 8.24 -17.62
N THR A 113 -26.36 8.45 -17.31
CA THR A 113 -25.76 9.80 -17.19
C THR A 113 -25.69 10.44 -18.58
N TYR A 114 -25.33 9.69 -19.62
CA TYR A 114 -25.27 10.21 -21.01
C TYR A 114 -26.64 10.78 -21.39
N GLN A 115 -27.71 10.03 -21.10
CA GLN A 115 -29.12 10.40 -21.41
C GLN A 115 -29.55 11.63 -20.61
N LEU A 116 -28.93 11.90 -19.46
CA LEU A 116 -29.21 13.10 -18.63
C LEU A 116 -28.30 14.26 -19.04
N GLY A 117 -27.47 14.08 -20.08
CA GLY A 117 -26.58 15.12 -20.64
C GLY A 117 -25.29 15.27 -19.85
N LEU A 118 -24.82 14.20 -19.21
CA LEU A 118 -23.61 14.24 -18.34
C LEU A 118 -22.56 13.23 -18.84
N ASP A 119 -21.29 13.59 -18.70
CA ASP A 119 -20.11 12.73 -18.97
C ASP A 119 -19.70 12.07 -17.64
N MET A 120 -19.93 10.77 -17.50
CA MET A 120 -19.68 10.04 -16.23
C MET A 120 -18.18 10.11 -15.87
N GLU A 121 -17.28 10.10 -16.85
CA GLU A 121 -15.82 10.11 -16.58
C GLU A 121 -15.42 11.43 -15.92
N GLU A 122 -16.10 12.52 -16.28
CA GLU A 122 -15.91 13.87 -15.69
C GLU A 122 -16.35 13.85 -14.22
N LEU A 123 -17.48 13.20 -13.93
CA LEU A 123 -18.04 13.09 -12.55
C LEU A 123 -17.10 12.24 -11.68
N GLU A 124 -16.50 11.18 -12.24
CA GLU A 124 -15.59 10.27 -11.50
C GLU A 124 -14.37 11.04 -10.99
N GLU A 125 -13.91 12.04 -11.75
CA GLU A 125 -12.71 12.87 -11.45
C GLU A 125 -12.95 13.82 -10.26
N ILE A 126 -14.21 13.99 -9.82
CA ILE A 126 -14.55 14.91 -8.70
C ILE A 126 -14.31 14.21 -7.35
N GLU A 127 -14.41 12.88 -7.29
CA GLU A 127 -14.31 12.14 -6.02
C GLU A 127 -12.89 12.33 -5.44
N GLU A 128 -12.78 12.61 -4.14
CA GLU A 128 -11.49 12.64 -3.41
C GLU A 128 -10.99 11.20 -3.24
N ASP A 129 -9.70 10.93 -3.40
CA ASP A 129 -9.10 9.66 -2.88
C ASP A 129 -9.31 9.54 -1.38
N ALA A 130 -9.68 8.36 -0.90
CA ALA A 130 -9.53 8.01 0.53
C ALA A 130 -8.06 7.62 0.73
N GLY A 131 -7.22 8.60 1.02
CA GLY A 131 -5.75 8.44 1.13
C GLY A 131 -5.32 8.04 2.53
N LEU A 132 -5.90 6.99 3.11
CA LEU A 132 -5.65 6.62 4.52
C LEU A 132 -4.46 5.66 4.62
N GLY A 133 -3.42 5.91 3.83
CA GLY A 133 -2.18 5.10 3.85
C GLY A 133 -1.05 5.81 3.15
N ASN A 134 0.16 5.28 3.31
CA ASN A 134 1.42 5.87 2.80
C ASN A 134 1.80 5.27 1.44
N GLY A 135 1.55 3.98 1.22
CA GLY A 135 2.09 3.26 0.06
C GLY A 135 1.75 1.80 0.12
N GLY A 136 2.75 0.93 -0.02
CA GLY A 136 2.58 -0.51 -0.27
C GLY A 136 1.77 -1.22 0.80
N LEU A 137 2.08 -1.00 2.07
CA LEU A 137 1.41 -1.70 3.20
C LEU A 137 -0.07 -1.31 3.22
N GLY A 138 -0.37 -0.02 3.04
CA GLY A 138 -1.73 0.52 3.05
C GLY A 138 -2.54 0.05 1.84
N ARG A 139 -1.91 0.01 0.68
CA ARG A 139 -2.59 -0.41 -0.57
C ARG A 139 -2.81 -1.92 -0.54
N LEU A 140 -1.90 -2.70 0.06
CA LEU A 140 -2.06 -4.16 0.21
C LEU A 140 -3.33 -4.43 1.00
N ALA A 141 -3.55 -3.72 2.12
CA ALA A 141 -4.75 -3.87 2.95
C ALA A 141 -5.98 -3.65 2.06
N ALA A 142 -5.96 -2.66 1.18
CA ALA A 142 -7.13 -2.31 0.31
C ALA A 142 -7.39 -3.42 -0.73
N CYS A 143 -6.35 -3.92 -1.39
CA CYS A 143 -6.44 -5.04 -2.35
C CYS A 143 -6.98 -6.27 -1.62
N PHE A 144 -6.49 -6.53 -0.41
CA PHE A 144 -6.92 -7.68 0.42
C PHE A 144 -8.41 -7.61 0.73
N LEU A 145 -8.94 -6.44 1.09
CA LEU A 145 -10.39 -6.33 1.41
C LEU A 145 -11.20 -6.74 0.17
N ASP A 146 -10.79 -6.30 -1.01
CA ASP A 146 -11.47 -6.60 -2.29
C ASP A 146 -11.44 -8.12 -2.51
N SER A 147 -10.28 -8.75 -2.33
CA SER A 147 -10.11 -10.21 -2.55
C SER A 147 -10.89 -10.99 -1.50
N MET A 148 -10.94 -10.54 -0.25
CA MET A 148 -11.66 -11.31 0.80
C MET A 148 -13.18 -11.30 0.51
N ALA A 149 -13.71 -10.19 0.00
CA ALA A 149 -15.13 -10.06 -0.40
C ALA A 149 -15.40 -10.95 -1.61
N THR A 150 -14.50 -10.93 -2.59
CA THR A 150 -14.63 -11.69 -3.86
C THR A 150 -14.56 -13.19 -3.55
N LEU A 151 -13.85 -13.60 -2.51
CA LEU A 151 -13.70 -15.03 -2.13
C LEU A 151 -14.69 -15.43 -1.02
N GLY A 152 -15.68 -14.59 -0.71
CA GLY A 152 -16.79 -14.92 0.19
C GLY A 152 -16.35 -15.19 1.62
N LEU A 153 -15.26 -14.57 2.07
CA LEU A 153 -14.79 -14.70 3.47
C LEU A 153 -15.56 -13.71 4.36
N ALA A 154 -15.92 -14.14 5.57
CA ALA A 154 -16.57 -13.31 6.60
C ALA A 154 -15.49 -12.40 7.23
N ALA A 155 -15.06 -11.37 6.49
CA ALA A 155 -13.85 -10.57 6.79
C ALA A 155 -14.26 -9.13 7.10
N TYR A 156 -13.57 -8.55 8.08
CA TYR A 156 -13.76 -7.15 8.54
C TYR A 156 -12.40 -6.48 8.54
N GLY A 157 -12.28 -5.34 7.87
CA GLY A 157 -11.10 -4.48 7.99
C GLY A 157 -11.36 -3.50 9.12
N TYR A 158 -10.40 -3.37 10.04
CA TYR A 158 -10.51 -2.46 11.20
C TYR A 158 -9.32 -1.51 11.19
N GLY A 159 -9.59 -0.21 11.32
CA GLY A 159 -8.58 0.85 11.27
C GLY A 159 -9.05 2.11 11.96
N ILE A 160 -8.42 3.22 11.59
CA ILE A 160 -8.71 4.57 12.11
C ILE A 160 -9.26 5.39 10.98
N ARG A 161 -10.32 6.14 11.27
CA ARG A 161 -10.85 7.15 10.32
C ARG A 161 -10.06 8.44 10.52
N TYR A 162 -8.94 8.58 9.83
CA TYR A 162 -8.12 9.82 9.90
C TYR A 162 -8.93 10.93 9.27
N GLU A 163 -9.00 12.08 9.93
CA GLU A 163 -9.61 13.29 9.37
C GLU A 163 -8.74 13.79 8.21
N PHE A 164 -7.43 13.61 8.30
CA PHE A 164 -6.43 14.01 7.29
C PHE A 164 -5.61 12.77 6.93
N GLY A 165 -5.64 12.38 5.66
CA GLY A 165 -4.86 11.25 5.13
C GLY A 165 -3.46 11.71 4.74
N ILE A 166 -2.83 10.98 3.83
CA ILE A 166 -1.47 11.34 3.35
C ILE A 166 -1.58 12.74 2.72
N PHE A 167 -0.66 13.64 3.06
CA PHE A 167 -0.65 15.04 2.58
C PHE A 167 -0.69 15.10 1.04
N ASN A 168 -1.32 16.15 0.52
CA ASN A 168 -1.24 16.54 -0.91
C ASN A 168 0.16 17.15 -1.12
N GLN A 169 0.85 16.68 -2.14
CA GLN A 169 2.19 17.19 -2.52
C GLN A 169 2.05 18.28 -3.59
N LYS A 170 2.57 19.46 -3.30
CA LYS A 170 2.78 20.56 -4.27
C LYS A 170 4.29 20.66 -4.50
N ILE A 171 4.71 20.94 -5.73
CA ILE A 171 6.13 21.22 -6.09
C ILE A 171 6.24 22.72 -6.35
N CYS A 172 7.00 23.42 -5.49
CA CYS A 172 7.23 24.88 -5.57
CA CYS A 172 7.23 24.88 -5.57
C CYS A 172 8.74 25.12 -5.71
N GLY A 173 9.16 25.67 -6.85
CA GLY A 173 10.58 25.90 -7.17
C GLY A 173 11.38 24.61 -7.14
N GLY A 174 10.75 23.50 -7.53
CA GLY A 174 11.36 22.15 -7.54
C GLY A 174 11.36 21.47 -6.18
N TRP A 175 10.81 22.10 -5.14
CA TRP A 175 10.80 21.57 -3.75
C TRP A 175 9.41 21.04 -3.41
N GLN A 176 9.33 19.92 -2.69
CA GLN A 176 8.06 19.40 -2.12
C GLN A 176 7.56 20.38 -1.04
N MET A 177 6.29 20.77 -1.14
CA MET A 177 5.51 21.41 -0.06
C MET A 177 4.37 20.45 0.30
N GLU A 178 4.02 20.36 1.57
CA GLU A 178 2.92 19.49 2.07
C GLU A 178 1.69 20.36 2.33
N GLU A 179 0.52 19.91 1.87
CA GLU A 179 -0.80 20.52 2.16
C GLU A 179 -1.66 19.46 2.82
N ALA A 180 -2.42 19.82 3.85
CA ALA A 180 -3.36 18.93 4.55
C ALA A 180 -4.33 18.35 3.53
N ASP A 181 -4.57 17.04 3.61
CA ASP A 181 -5.52 16.30 2.76
C ASP A 181 -6.88 16.31 3.46
N ASP A 182 -7.67 17.36 3.24
CA ASP A 182 -8.99 17.58 3.88
C ASP A 182 -10.04 16.82 3.07
N TRP A 183 -9.91 15.50 3.04
CA TRP A 183 -10.68 14.61 2.12
C TRP A 183 -12.17 14.54 2.51
N LEU A 184 -12.54 14.92 3.74
CA LEU A 184 -13.95 14.86 4.20
C LEU A 184 -14.65 16.22 4.04
N ARG A 185 -13.99 17.20 3.43
CA ARG A 185 -14.47 18.61 3.26
C ARG A 185 -15.92 18.60 2.76
N TYR A 186 -16.25 17.82 1.73
CA TYR A 186 -17.55 17.82 1.00
C TYR A 186 -18.44 16.66 1.48
N GLY A 187 -17.97 15.88 2.44
CA GLY A 187 -18.66 14.69 2.94
C GLY A 187 -18.21 13.43 2.22
N ASN A 188 -18.53 12.28 2.80
CA ASN A 188 -18.15 10.95 2.30
C ASN A 188 -19.44 10.15 2.18
N PRO A 189 -19.99 9.95 0.95
CA PRO A 189 -21.27 9.27 0.80
C PRO A 189 -21.21 7.77 1.10
N TRP A 190 -20.00 7.20 1.17
CA TRP A 190 -19.79 5.74 1.25
C TRP A 190 -19.89 5.26 2.69
N GLU A 191 -19.56 6.10 3.68
CA GLU A 191 -19.51 5.65 5.09
C GLU A 191 -20.88 5.84 5.76
N LYS A 192 -21.16 5.02 6.77
CA LYS A 192 -22.32 5.17 7.68
C LYS A 192 -21.79 5.27 9.12
N ALA A 193 -21.95 6.43 9.75
CA ALA A 193 -21.68 6.64 11.19
C ALA A 193 -22.54 5.66 11.98
N ARG A 194 -21.95 5.00 12.98
CA ARG A 194 -22.68 4.09 13.89
C ARG A 194 -22.47 4.59 15.32
N PRO A 195 -22.93 5.82 15.66
CA PRO A 195 -22.69 6.39 17.00
C PRO A 195 -23.23 5.52 18.15
N GLU A 196 -24.17 4.63 17.85
CA GLU A 196 -24.82 3.69 18.80
C GLU A 196 -23.86 2.57 19.22
N PHE A 197 -22.80 2.29 18.46
CA PHE A 197 -21.84 1.19 18.78
C PHE A 197 -20.54 1.79 19.34
N THR A 198 -20.60 3.01 19.87
CA THR A 198 -19.44 3.74 20.47
C THR A 198 -18.93 2.96 21.69
N LEU A 199 -17.61 2.85 21.86
CA LEU A 199 -16.97 2.04 22.92
C LEU A 199 -15.93 2.90 23.62
N PRO A 200 -15.70 2.68 24.92
CA PRO A 200 -14.67 3.42 25.64
C PRO A 200 -13.29 2.80 25.46
N VAL A 201 -12.27 3.66 25.37
CA VAL A 201 -10.84 3.27 25.36
C VAL A 201 -10.14 4.01 26.51
N HIS A 202 -9.35 3.28 27.28
CA HIS A 202 -8.70 3.76 28.54
C HIS A 202 -7.21 4.05 28.31
N PHE A 203 -6.72 5.12 28.95
CA PHE A 203 -5.31 5.55 28.89
C PHE A 203 -4.85 5.97 30.29
N TYR A 204 -3.54 5.87 30.53
CA TYR A 204 -2.83 6.33 31.76
C TYR A 204 -3.31 5.47 32.93
N GLY A 205 -3.61 6.10 34.08
CA GLY A 205 -4.04 5.38 35.29
C GLY A 205 -2.91 4.61 35.93
N ARG A 206 -3.25 3.57 36.67
CA ARG A 206 -2.27 2.79 37.47
C ARG A 206 -2.88 1.44 37.78
N VAL A 207 -2.05 0.48 38.15
CA VAL A 207 -2.49 -0.90 38.44
C VAL A 207 -2.50 -1.07 39.95
N GLU A 208 -3.60 -1.55 40.52
CA GLU A 208 -3.57 -2.03 41.93
C GLU A 208 -3.87 -3.53 41.92
N HIS A 209 -3.13 -4.27 42.75
CA HIS A 209 -3.25 -5.75 42.92
C HIS A 209 -4.17 -6.01 44.10
N THR A 210 -5.28 -6.70 43.88
CA THR A 210 -6.29 -7.06 44.90
C THR A 210 -6.13 -8.57 45.20
N SER A 211 -6.98 -9.08 46.09
CA SER A 211 -7.19 -10.52 46.35
C SER A 211 -7.59 -11.21 45.03
N GLN A 212 -8.48 -10.58 44.26
CA GLN A 212 -9.09 -11.14 43.01
C GLN A 212 -8.10 -11.06 41.83
N GLY A 213 -7.12 -10.14 41.88
CA GLY A 213 -6.09 -9.99 40.84
C GLY A 213 -5.85 -8.52 40.53
N ALA A 214 -5.32 -8.23 39.33
CA ALA A 214 -4.92 -6.86 38.91
C ALA A 214 -6.17 -6.08 38.48
N LYS A 215 -6.18 -4.78 38.78
CA LYS A 215 -7.25 -3.82 38.36
C LYS A 215 -6.56 -2.59 37.81
N TRP A 216 -6.97 -2.17 36.62
CA TRP A 216 -6.45 -0.94 35.95
C TRP A 216 -7.42 0.20 36.26
N VAL A 217 -6.99 1.18 37.07
CA VAL A 217 -7.90 2.18 37.69
C VAL A 217 -7.39 3.58 37.37
N ASP A 218 -8.24 4.58 37.61
CA ASP A 218 -7.94 6.04 37.54
C ASP A 218 -7.54 6.41 36.10
N THR A 219 -8.17 5.79 35.11
CA THR A 219 -7.82 5.99 33.69
C THR A 219 -8.51 7.24 33.15
N GLN A 220 -7.97 7.81 32.08
CA GLN A 220 -8.68 8.78 31.22
C GLN A 220 -9.36 7.99 30.10
N VAL A 221 -10.58 8.39 29.74
CA VAL A 221 -11.42 7.68 28.74
C VAL A 221 -11.45 8.51 27.47
N VAL A 222 -11.25 7.87 26.31
CA VAL A 222 -11.61 8.42 24.98
C VAL A 222 -12.64 7.48 24.37
N LEU A 223 -13.66 8.03 23.71
CA LEU A 223 -14.71 7.20 23.05
C LEU A 223 -14.26 6.87 21.63
N ALA A 224 -14.53 5.64 21.20
CA ALA A 224 -14.26 5.17 19.83
C ALA A 224 -15.61 5.02 19.14
N MET A 225 -15.87 5.90 18.17
CA MET A 225 -17.11 5.89 17.37
C MET A 225 -16.82 5.26 16.03
N PRO A 226 -17.54 4.17 15.65
CA PRO A 226 -17.27 3.49 14.39
C PRO A 226 -18.02 4.11 13.21
N TYR A 227 -17.35 4.13 12.06
CA TYR A 227 -17.93 4.45 10.73
C TYR A 227 -17.72 3.23 9.83
N ASP A 228 -18.79 2.71 9.26
CA ASP A 228 -18.75 1.46 8.44
C ASP A 228 -18.79 1.85 6.96
N THR A 229 -17.91 1.25 6.16
CA THR A 229 -17.86 1.43 4.70
C THR A 229 -18.06 0.06 4.08
N PRO A 230 -18.95 -0.05 3.07
CA PRO A 230 -19.18 -1.32 2.38
C PRO A 230 -18.00 -1.67 1.46
N VAL A 231 -17.70 -2.97 1.41
CA VAL A 231 -16.65 -3.56 0.55
C VAL A 231 -17.31 -4.63 -0.31
N PRO A 232 -17.68 -4.29 -1.56
CA PRO A 232 -18.36 -5.24 -2.44
C PRO A 232 -17.40 -6.25 -3.09
N GLY A 233 -17.77 -7.53 -3.06
CA GLY A 233 -17.09 -8.58 -3.84
C GLY A 233 -17.41 -8.46 -5.32
N TYR A 234 -16.64 -9.13 -6.18
CA TYR A 234 -16.82 -9.01 -7.65
C TYR A 234 -18.01 -9.90 -8.06
N ARG A 235 -19.16 -9.28 -8.30
CA ARG A 235 -20.38 -9.86 -8.91
C ARG A 235 -20.81 -11.13 -8.19
N ASN A 236 -20.68 -11.17 -6.86
CA ASN A 236 -21.10 -12.33 -6.04
C ASN A 236 -22.14 -11.89 -5.00
N ASN A 237 -22.57 -10.62 -5.04
CA ASN A 237 -23.56 -10.00 -4.11
C ASN A 237 -23.08 -10.07 -2.64
N VAL A 238 -21.78 -10.26 -2.42
CA VAL A 238 -21.19 -10.20 -1.05
C VAL A 238 -20.77 -8.76 -0.82
N VAL A 239 -21.15 -8.19 0.32
CA VAL A 239 -20.71 -6.84 0.75
C VAL A 239 -20.24 -6.97 2.20
N ASN A 240 -18.92 -6.88 2.36
CA ASN A 240 -18.24 -6.96 3.67
C ASN A 240 -18.12 -5.53 4.21
N THR A 241 -17.58 -5.39 5.42
CA THR A 241 -17.50 -4.10 6.14
C THR A 241 -16.04 -3.76 6.42
N MET A 242 -15.69 -2.50 6.20
CA MET A 242 -14.48 -1.85 6.76
C MET A 242 -14.97 -0.91 7.87
N ARG A 243 -14.59 -1.18 9.11
CA ARG A 243 -15.02 -0.36 10.27
C ARG A 243 -13.82 0.51 10.70
N LEU A 244 -13.95 1.83 10.57
CA LEU A 244 -12.88 2.77 10.98
C LEU A 244 -13.37 3.56 12.21
N TRP A 245 -12.50 3.64 13.22
CA TRP A 245 -12.80 4.28 14.51
C TRP A 245 -12.43 5.77 14.45
N SER A 246 -13.31 6.61 14.99
CA SER A 246 -13.11 8.06 15.19
C SER A 246 -13.11 8.36 16.69
N ALA A 247 -12.19 9.20 17.14
CA ALA A 247 -11.98 9.55 18.56
C ALA A 247 -12.98 10.64 18.97
N LYS A 248 -13.67 10.46 20.09
CA LYS A 248 -14.65 11.44 20.61
C LYS A 248 -14.38 11.63 22.11
N ALA A 249 -14.45 12.86 22.60
CA ALA A 249 -14.29 13.17 24.05
C ALA A 249 -15.53 12.67 24.78
N PRO A 250 -15.39 12.11 26.00
CA PRO A 250 -16.57 11.78 26.83
C PRO A 250 -17.25 13.08 27.29
N ASN A 251 -18.54 13.04 27.67
CA ASN A 251 -19.34 14.28 27.89
C ASN A 251 -19.07 14.87 29.29
N ASP A 252 -18.43 14.12 30.18
CA ASP A 252 -17.95 14.56 31.52
C ASP A 252 -17.40 15.99 31.43
N PHE A 258 -15.14 29.16 36.41
CA PHE A 258 -15.77 30.41 35.91
C PHE A 258 -16.00 30.31 34.40
N ASN A 259 -16.23 31.44 33.73
CA ASN A 259 -16.55 31.52 32.28
C ASN A 259 -15.37 30.99 31.43
N VAL A 260 -14.16 31.57 31.58
CA VAL A 260 -12.94 31.13 30.82
C VAL A 260 -12.71 29.63 31.09
N GLY A 262 -12.85 29.17 32.34
CA GLY A 262 -12.71 27.76 32.78
C GLY A 262 -13.68 26.83 32.05
N TYR A 263 -14.99 27.17 32.03
CA TYR A 263 -16.03 26.37 31.33
C TYR A 263 -15.69 26.33 29.84
N ILE A 264 -15.40 27.49 29.23
CA ILE A 264 -15.10 27.59 27.78
C ILE A 264 -13.85 26.76 27.50
N GLN A 265 -12.77 26.94 28.28
CA GLN A 265 -11.50 26.19 28.07
C GLN A 265 -11.74 24.68 28.19
N ALA A 266 -12.56 24.21 29.14
CA ALA A 266 -12.87 22.75 29.30
C ALA A 266 -13.53 22.20 28.04
N VAL A 267 -14.42 22.96 27.40
CA VAL A 267 -15.06 22.53 26.13
C VAL A 267 -14.01 22.49 25.02
N LEU A 268 -13.17 23.51 24.91
CA LEU A 268 -12.12 23.55 23.84
C LEU A 268 -11.12 22.41 24.05
N ASP A 269 -10.86 22.00 25.29
CA ASP A 269 -9.85 20.95 25.59
C ASP A 269 -10.35 19.57 25.13
N ARG A 270 -11.62 19.43 24.74
CA ARG A 270 -12.12 18.17 24.13
C ARG A 270 -11.29 17.81 22.89
N ASN A 271 -10.70 18.79 22.23
CA ASN A 271 -9.84 18.64 21.02
C ASN A 271 -8.66 17.70 21.28
N LEU A 272 -8.11 17.70 22.50
CA LEU A 272 -6.94 16.86 22.85
C LEU A 272 -7.30 15.38 22.68
N ALA A 273 -8.45 14.92 23.21
CA ALA A 273 -8.92 13.53 23.03
C ALA A 273 -9.14 13.25 21.54
N GLU A 274 -9.73 14.20 20.81
CA GLU A 274 -10.20 13.96 19.42
C GLU A 274 -9.01 14.00 18.47
N ASN A 275 -7.86 14.51 18.91
CA ASN A 275 -6.63 14.55 18.07
C ASN A 275 -6.11 13.15 17.75
N ILE A 276 -6.54 12.13 18.50
CA ILE A 276 -6.04 10.74 18.29
C ILE A 276 -6.29 10.30 16.85
N SER A 277 -7.46 10.61 16.28
CA SER A 277 -7.86 10.17 14.92
C SER A 277 -7.67 11.31 13.91
N ARG A 278 -6.88 12.33 14.21
CA ARG A 278 -6.84 13.53 13.35
C ARG A 278 -6.02 13.25 12.08
N VAL A 279 -4.87 12.61 12.16
CA VAL A 279 -3.91 12.63 11.02
C VAL A 279 -3.06 11.36 10.96
N LEU A 280 -2.91 10.85 9.73
CA LEU A 280 -2.01 9.73 9.39
C LEU A 280 -0.56 10.17 9.54
N TYR A 281 0.24 9.41 10.28
CA TYR A 281 1.73 9.56 10.31
C TYR A 281 2.28 9.18 8.95
N PRO A 282 3.01 10.11 8.28
CA PRO A 282 3.56 9.88 6.94
C PRO A 282 4.98 9.30 6.84
N ASN A 283 5.58 8.95 7.98
CA ASN A 283 7.00 8.51 8.07
C ASN A 283 7.06 6.99 7.90
N ASP A 284 6.90 6.48 6.67
CA ASP A 284 6.97 5.02 6.37
C ASP A 284 8.44 4.56 6.26
N ASN A 285 9.39 5.49 6.45
CA ASN A 285 10.86 5.30 6.29
C ASN A 285 11.53 4.99 7.64
N PHE A 286 11.04 5.59 8.72
CA PHE A 286 11.81 5.74 9.98
C PHE A 286 10.82 5.77 11.14
N PHE A 287 10.98 4.85 12.09
CA PHE A 287 10.18 4.83 13.33
C PHE A 287 10.62 5.99 14.24
N GLU A 288 9.70 6.77 14.80
CA GLU A 288 10.08 7.96 15.62
C GLU A 288 9.81 7.77 17.12
N GLY A 289 8.76 7.06 17.53
CA GLY A 289 8.48 6.88 18.97
C GLY A 289 7.69 8.03 19.55
N LYS A 290 6.68 8.53 18.83
CA LYS A 290 5.82 9.65 19.28
C LYS A 290 4.65 9.10 20.10
N GLU A 291 4.35 9.75 21.23
CA GLU A 291 3.23 9.35 22.11
C GLU A 291 1.91 9.31 21.34
N LEU A 292 1.63 10.29 20.48
CA LEU A 292 0.33 10.33 19.77
C LEU A 292 0.18 9.10 18.86
N ARG A 293 1.27 8.64 18.24
CA ARG A 293 1.24 7.42 17.41
C ARG A 293 0.95 6.21 18.29
N LEU A 294 1.52 6.13 19.49
CA LEU A 294 1.24 5.01 20.40
C LEU A 294 -0.24 5.03 20.80
N LYS A 295 -0.81 6.23 21.05
CA LYS A 295 -2.25 6.37 21.38
C LYS A 295 -3.10 5.85 20.21
N GLN A 296 -2.74 6.19 18.97
CA GLN A 296 -3.47 5.72 17.76
C GLN A 296 -3.47 4.19 17.74
N GLU A 297 -2.31 3.58 17.97
CA GLU A 297 -2.13 2.11 17.93
C GLU A 297 -3.00 1.45 19.00
N TYR A 298 -2.99 1.95 20.23
CA TYR A 298 -3.80 1.32 21.29
C TYR A 298 -5.29 1.55 21.03
N PHE A 299 -5.64 2.74 20.56
CA PHE A 299 -7.04 3.16 20.26
C PHE A 299 -7.67 2.15 19.31
N VAL A 300 -7.01 1.82 18.20
CA VAL A 300 -7.61 0.91 17.19
CA VAL A 300 -7.53 0.88 17.16
C VAL A 300 -7.70 -0.50 17.78
N VAL A 301 -6.68 -0.94 18.51
CA VAL A 301 -6.60 -2.28 19.13
C VAL A 301 -7.70 -2.44 20.19
N ALA A 302 -7.85 -1.49 21.11
CA ALA A 302 -8.76 -1.61 22.26
C ALA A 302 -10.22 -1.62 21.77
N ALA A 303 -10.57 -0.70 20.88
CA ALA A 303 -11.94 -0.60 20.33
C ALA A 303 -12.26 -1.87 19.52
N THR A 304 -11.34 -2.29 18.67
CA THR A 304 -11.51 -3.46 17.77
C THR A 304 -11.73 -4.73 18.61
N LEU A 305 -10.89 -4.98 19.62
CA LEU A 305 -10.98 -6.24 20.42
C LEU A 305 -12.29 -6.29 21.22
N GLN A 306 -12.81 -5.18 21.74
CA GLN A 306 -14.13 -5.16 22.43
C GLN A 306 -15.23 -5.53 21.43
N ASP A 307 -15.13 -5.03 20.21
CA ASP A 307 -16.09 -5.32 19.12
C ASP A 307 -16.05 -6.82 18.80
N ILE A 308 -14.85 -7.38 18.68
CA ILE A 308 -14.63 -8.81 18.36
C ILE A 308 -15.26 -9.67 19.46
N ILE A 309 -14.96 -9.36 20.71
CA ILE A 309 -15.42 -10.19 21.87
C ILE A 309 -16.94 -10.10 21.97
N ARG A 310 -17.51 -8.90 21.79
CA ARG A 310 -18.99 -8.68 21.80
C ARG A 310 -19.65 -9.58 20.74
N ARG A 311 -19.14 -9.56 19.50
CA ARG A 311 -19.68 -10.34 18.36
C ARG A 311 -19.55 -11.83 18.65
N PHE A 312 -18.44 -12.27 19.28
CA PHE A 312 -18.18 -13.67 19.66
C PHE A 312 -19.20 -14.14 20.71
N LYS A 313 -19.47 -13.32 21.74
CA LYS A 313 -20.41 -13.68 22.84
C LYS A 313 -21.85 -13.71 22.33
N SER A 314 -22.18 -12.95 21.30
CA SER A 314 -23.51 -12.92 20.63
C SER A 314 -23.63 -14.10 19.65
N SER A 315 -23.12 -15.28 20.03
CA SER A 315 -23.08 -16.51 19.20
C SER A 315 -21.98 -16.37 18.14
N ASN A 326 -15.59 -22.60 26.54
CA ASN A 326 -16.18 -21.24 26.42
C ASN A 326 -15.28 -20.40 25.49
N PHE A 327 -14.23 -19.78 26.03
CA PHE A 327 -13.18 -19.10 25.23
C PHE A 327 -12.27 -20.14 24.56
N ASP A 328 -12.44 -21.43 24.85
CA ASP A 328 -11.75 -22.54 24.13
C ASP A 328 -12.09 -22.47 22.64
N ALA A 329 -13.29 -22.02 22.28
CA ALA A 329 -13.78 -21.98 20.88
C ALA A 329 -13.36 -20.66 20.20
N PHE A 330 -12.74 -19.72 20.93
CA PHE A 330 -12.44 -18.36 20.41
C PHE A 330 -11.62 -18.47 19.13
N PRO A 331 -10.48 -19.22 19.13
CA PRO A 331 -9.66 -19.37 17.93
C PRO A 331 -10.32 -20.14 16.77
N ASP A 332 -11.39 -20.88 17.04
CA ASP A 332 -12.21 -21.56 15.99
C ASP A 332 -13.14 -20.55 15.33
N LYS A 333 -13.45 -19.45 16.00
CA LYS A 333 -14.45 -18.45 15.54
C LYS A 333 -13.79 -17.13 15.13
N VAL A 334 -12.52 -16.93 15.51
CA VAL A 334 -11.81 -15.62 15.34
C VAL A 334 -10.40 -15.86 14.80
N ALA A 335 -10.05 -15.12 13.76
CA ALA A 335 -8.65 -14.92 13.29
C ALA A 335 -8.36 -13.42 13.33
N ILE A 336 -7.25 -13.04 13.97
CA ILE A 336 -6.76 -11.63 13.93
C ILE A 336 -5.45 -11.60 13.14
N GLN A 337 -5.43 -10.86 12.04
CA GLN A 337 -4.23 -10.67 11.20
C GLN A 337 -3.65 -9.30 11.49
N LEU A 338 -2.40 -9.26 11.95
CA LEU A 338 -1.70 -8.01 12.30
C LEU A 338 -0.91 -7.55 11.08
N ASN A 339 -1.30 -6.42 10.50
CA ASN A 339 -0.61 -5.80 9.35
C ASN A 339 0.62 -5.06 9.91
N ASP A 340 1.75 -5.77 9.99
N ASP A 340 1.77 -5.75 9.98
CA ASP A 340 3.01 -5.33 10.63
CA ASP A 340 3.02 -5.26 10.61
C ASP A 340 2.76 -5.22 12.14
C ASP A 340 2.80 -5.26 12.13
N THR A 341 3.68 -4.59 12.88
CA THR A 341 3.64 -4.55 14.36
C THR A 341 2.73 -3.42 14.82
N HIS A 342 2.24 -2.58 13.90
CA HIS A 342 1.52 -1.33 14.29
C HIS A 342 0.34 -1.66 15.20
N PRO A 343 -0.43 -2.76 14.98
CA PRO A 343 -1.46 -3.21 15.93
C PRO A 343 -1.03 -4.33 16.89
N SER A 344 0.27 -4.48 17.15
CA SER A 344 0.87 -5.54 18.01
C SER A 344 0.31 -5.50 19.45
N LEU A 345 -0.22 -4.37 19.90
CA LEU A 345 -0.78 -4.28 21.26
C LEU A 345 -2.04 -5.16 21.37
N ALA A 346 -2.57 -5.67 20.26
CA ALA A 346 -3.66 -6.69 20.27
C ALA A 346 -3.24 -7.87 21.14
N ILE A 347 -1.97 -8.26 21.14
CA ILE A 347 -1.50 -9.48 21.88
C ILE A 347 -1.65 -9.23 23.39
N PRO A 348 -1.00 -8.21 23.99
CA PRO A 348 -1.21 -7.98 25.43
C PRO A 348 -2.62 -7.48 25.79
N GLU A 349 -3.34 -6.81 24.87
CA GLU A 349 -4.73 -6.38 25.15
C GLU A 349 -5.65 -7.62 25.25
N LEU A 350 -5.49 -8.59 24.35
CA LEU A 350 -6.28 -9.84 24.41
C LEU A 350 -5.96 -10.57 25.73
N MET A 351 -4.69 -10.62 26.11
CA MET A 351 -4.29 -11.25 27.41
C MET A 351 -4.92 -10.47 28.57
N ARG A 352 -4.90 -9.14 28.53
CA ARG A 352 -5.49 -8.28 29.58
C ARG A 352 -6.97 -8.58 29.75
N VAL A 353 -7.73 -8.60 28.65
CA VAL A 353 -9.19 -8.87 28.72
C VAL A 353 -9.40 -10.29 29.26
N LEU A 354 -8.69 -11.28 28.74
CA LEU A 354 -8.95 -12.71 29.10
C LEU A 354 -8.59 -12.96 30.57
N VAL A 355 -7.46 -12.42 31.04
CA VAL A 355 -6.96 -12.67 32.43
C VAL A 355 -7.67 -11.73 33.42
N ASP A 356 -7.65 -10.42 33.18
CA ASP A 356 -8.10 -9.41 34.17
C ASP A 356 -9.63 -9.34 34.23
N LEU A 357 -10.32 -9.51 33.10
CA LEU A 357 -11.78 -9.23 33.05
C LEU A 357 -12.56 -10.55 33.00
N GLU A 358 -12.12 -11.53 32.20
CA GLU A 358 -12.83 -12.82 32.03
C GLU A 358 -12.27 -13.84 33.04
N ARG A 359 -11.15 -13.54 33.70
CA ARG A 359 -10.61 -14.34 34.84
C ARG A 359 -10.14 -15.73 34.35
N LEU A 360 -9.71 -15.85 33.09
CA LEU A 360 -9.04 -17.08 32.59
C LEU A 360 -7.66 -17.15 33.25
N ASP A 361 -7.16 -18.36 33.49
CA ASP A 361 -5.76 -18.54 33.96
C ASP A 361 -4.84 -18.15 32.80
N TRP A 362 -3.63 -17.73 33.14
CA TRP A 362 -2.62 -17.20 32.21
C TRP A 362 -2.41 -18.17 31.04
N ASP A 363 -2.15 -19.44 31.34
CA ASP A 363 -1.71 -20.44 30.32
C ASP A 363 -2.84 -20.66 29.29
N LYS A 364 -4.09 -20.69 29.74
CA LYS A 364 -5.26 -20.88 28.85
C LYS A 364 -5.41 -19.64 27.96
N ALA A 365 -5.34 -18.44 28.56
CA ALA A 365 -5.42 -17.14 27.83
C ALA A 365 -4.33 -17.09 26.75
N TRP A 366 -3.11 -17.47 27.09
CA TRP A 366 -1.95 -17.46 26.17
C TRP A 366 -2.18 -18.40 24.99
N GLU A 367 -2.69 -19.61 25.25
CA GLU A 367 -3.04 -20.61 24.22
C GLU A 367 -4.03 -19.99 23.24
N VAL A 368 -5.10 -19.37 23.76
CA VAL A 368 -6.16 -18.72 22.93
C VAL A 368 -5.55 -17.58 22.10
N THR A 369 -4.69 -16.77 22.71
CA THR A 369 -4.08 -15.58 22.04
C THR A 369 -3.23 -16.04 20.85
N VAL A 370 -2.32 -16.99 21.07
CA VAL A 370 -1.37 -17.49 20.05
C VAL A 370 -2.15 -18.09 18.89
N LYS A 371 -3.21 -18.87 19.16
CA LYS A 371 -4.01 -19.56 18.12
C LYS A 371 -4.85 -18.54 17.33
N THR A 372 -5.10 -17.36 17.91
CA THR A 372 -5.95 -16.30 17.31
C THR A 372 -5.10 -15.38 16.41
N CYS A 373 -3.88 -15.05 16.81
CA CYS A 373 -3.08 -13.94 16.21
C CYS A 373 -2.08 -14.47 15.19
N ALA A 374 -1.90 -13.73 14.10
CA ALA A 374 -0.88 -13.99 13.08
C ALA A 374 -0.32 -12.65 12.65
N TYR A 375 0.97 -12.64 12.30
CA TYR A 375 1.76 -11.41 12.08
C TYR A 375 2.38 -11.43 10.69
N THR A 376 2.21 -10.35 9.95
CA THR A 376 2.84 -10.13 8.64
C THR A 376 3.90 -9.05 8.79
N ASN A 377 5.14 -9.34 8.38
CA ASN A 377 6.28 -8.40 8.37
C ASN A 377 6.39 -7.80 6.97
N HIS A 378 6.68 -6.50 6.88
CA HIS A 378 6.78 -5.75 5.59
C HIS A 378 8.13 -5.07 5.39
N THR A 379 9.18 -5.35 6.19
CA THR A 379 10.53 -4.80 5.89
C THR A 379 11.61 -5.41 6.79
N VAL A 380 12.84 -5.46 6.27
CA VAL A 380 14.05 -5.87 7.04
C VAL A 380 14.88 -4.64 7.43
N LEU A 381 14.56 -3.43 6.95
CA LEU A 381 15.33 -2.21 7.32
C LEU A 381 15.14 -1.94 8.80
N PRO A 382 16.23 -1.90 9.60
CA PRO A 382 16.10 -1.82 11.06
C PRO A 382 15.51 -0.50 11.58
N GLU A 383 15.68 0.60 10.85
CA GLU A 383 15.19 1.93 11.31
C GLU A 383 13.65 2.02 11.24
N ALA A 384 12.98 1.12 10.53
CA ALA A 384 11.50 1.12 10.37
C ALA A 384 10.84 0.29 11.48
N LEU A 385 11.60 -0.56 12.17
CA LEU A 385 11.08 -1.50 13.22
C LEU A 385 10.63 -0.70 14.46
N GLU A 386 9.47 -1.03 15.01
CA GLU A 386 8.92 -0.32 16.19
C GLU A 386 9.59 -0.87 17.44
N ARG A 387 10.27 0.00 18.17
CA ARG A 387 10.94 -0.30 19.45
C ARG A 387 10.51 0.81 20.42
N TRP A 388 9.43 0.59 21.16
CA TRP A 388 8.81 1.63 22.02
C TRP A 388 9.61 1.76 23.30
N PRO A 389 10.05 2.99 23.68
CA PRO A 389 10.64 3.24 25.00
C PRO A 389 9.72 2.74 26.12
N VAL A 390 10.29 2.00 27.07
CA VAL A 390 9.55 1.45 28.23
C VAL A 390 8.85 2.58 28.98
N HIS A 391 9.47 3.76 29.13
CA HIS A 391 8.93 4.87 29.96
C HIS A 391 7.59 5.36 29.39
N LEU A 392 7.45 5.31 28.06
CA LEU A 392 6.19 5.70 27.37
C LEU A 392 5.10 4.68 27.70
N LEU A 393 5.41 3.39 27.62
CA LEU A 393 4.44 2.30 27.92
C LEU A 393 4.08 2.35 29.40
N GLU A 394 5.05 2.58 30.27
CA GLU A 394 4.84 2.65 31.73
C GLU A 394 3.80 3.73 32.07
N THR A 395 3.86 4.88 31.43
CA THR A 395 2.96 6.03 31.69
C THR A 395 1.60 5.81 31.04
N LEU A 396 1.59 5.38 29.77
CA LEU A 396 0.33 5.36 28.98
C LEU A 396 -0.44 4.07 29.26
N LEU A 397 0.26 2.94 29.39
CA LEU A 397 -0.36 1.60 29.37
C LEU A 397 0.31 0.72 30.41
N PRO A 398 0.23 1.12 31.70
CA PRO A 398 0.99 0.44 32.75
C PRO A 398 0.66 -1.04 32.89
N ARG A 399 -0.59 -1.45 32.64
CA ARG A 399 -1.00 -2.87 32.76
C ARG A 399 -0.41 -3.66 31.58
N HIS A 400 -0.42 -3.10 30.37
CA HIS A 400 0.17 -3.72 29.16
C HIS A 400 1.67 -3.98 29.38
N LEU A 401 2.40 -3.05 29.99
CA LEU A 401 3.85 -3.24 30.22
C LEU A 401 4.06 -4.45 31.15
N GLN A 402 3.25 -4.58 32.20
CA GLN A 402 3.35 -5.72 33.16
C GLN A 402 3.10 -7.03 32.40
N ILE A 403 2.09 -7.06 31.53
CA ILE A 403 1.77 -8.28 30.75
C ILE A 403 2.93 -8.58 29.79
N ILE A 404 3.53 -7.57 29.16
CA ILE A 404 4.68 -7.76 28.21
C ILE A 404 5.88 -8.36 28.98
N TYR A 405 6.18 -7.86 30.18
CA TYR A 405 7.28 -8.40 31.03
C TYR A 405 7.03 -9.89 31.36
N GLU A 406 5.79 -10.24 31.68
CA GLU A 406 5.38 -11.63 32.02
C GLU A 406 5.50 -12.51 30.78
N ILE A 407 5.06 -12.03 29.60
CA ILE A 407 5.22 -12.77 28.32
C ILE A 407 6.72 -13.02 28.10
N ASN A 408 7.54 -11.99 28.30
CA ASN A 408 8.99 -12.04 28.05
C ASN A 408 9.65 -13.11 28.94
N GLN A 409 9.34 -13.11 30.23
CA GLN A 409 9.92 -14.03 31.23
C GLN A 409 9.61 -15.47 30.82
N ARG A 410 8.35 -15.76 30.52
CA ARG A 410 7.88 -17.12 30.13
C ARG A 410 8.49 -17.54 28.78
N PHE A 411 8.62 -16.62 27.84
CA PHE A 411 9.24 -16.87 26.52
C PHE A 411 10.73 -17.22 26.71
N LEU A 412 11.45 -16.41 27.46
CA LEU A 412 12.90 -16.61 27.67
C LEU A 412 13.14 -17.89 28.49
N ASN A 413 12.19 -18.30 29.34
CA ASN A 413 12.27 -19.61 30.05
C ASN A 413 12.24 -20.75 29.03
N ARG A 414 11.43 -20.63 27.97
CA ARG A 414 11.37 -21.67 26.90
C ARG A 414 12.67 -21.66 26.10
N VAL A 415 13.23 -20.48 25.81
CA VAL A 415 14.50 -20.36 25.03
C VAL A 415 15.63 -21.03 25.83
N ALA A 416 15.69 -20.78 27.15
CA ALA A 416 16.73 -21.30 28.07
C ALA A 416 16.68 -22.84 28.11
N ALA A 417 15.47 -23.42 28.11
CA ALA A 417 15.25 -24.89 28.15
C ALA A 417 15.62 -25.53 26.81
N ALA A 418 15.47 -24.82 25.68
CA ALA A 418 15.75 -25.34 24.32
C ALA A 418 17.24 -25.19 23.98
N PHE A 419 17.91 -24.16 24.52
CA PHE A 419 19.32 -23.79 24.19
C PHE A 419 20.06 -23.50 25.50
N PRO A 420 20.24 -24.51 26.38
CA PRO A 420 20.79 -24.26 27.71
C PRO A 420 22.22 -23.71 27.61
N GLY A 421 22.52 -22.66 28.37
CA GLY A 421 23.84 -22.02 28.42
C GLY A 421 24.03 -20.95 27.38
N ASP A 422 23.13 -20.83 26.39
CA ASP A 422 23.28 -19.87 25.27
C ASP A 422 22.76 -18.51 25.77
N VAL A 423 23.57 -17.84 26.56
CA VAL A 423 23.20 -16.56 27.24
C VAL A 423 23.08 -15.45 26.20
N ASP A 424 23.86 -15.48 25.13
CA ASP A 424 23.75 -14.41 24.10
C ASP A 424 22.40 -14.55 23.37
N ARG A 425 21.93 -15.77 23.12
CA ARG A 425 20.62 -16.01 22.46
C ARG A 425 19.53 -15.36 23.33
N LEU A 426 19.60 -15.50 24.65
CA LEU A 426 18.62 -14.91 25.60
C LEU A 426 18.58 -13.40 25.40
N ARG A 427 19.74 -12.75 25.33
CA ARG A 427 19.85 -11.28 25.09
C ARG A 427 19.22 -10.94 23.73
N ARG A 428 19.51 -11.73 22.70
CA ARG A 428 19.14 -11.41 21.30
C ARG A 428 17.62 -11.56 21.14
N MET A 429 17.00 -12.52 21.83
CA MET A 429 15.59 -12.90 21.60
C MET A 429 14.66 -12.13 22.55
N SER A 430 15.20 -11.46 23.57
CA SER A 430 14.39 -10.74 24.58
C SER A 430 13.43 -9.76 23.87
N LEU A 431 12.21 -9.64 24.38
CA LEU A 431 11.25 -8.58 23.95
C LEU A 431 11.76 -7.25 24.48
N VAL A 432 12.54 -7.28 25.57
CA VAL A 432 13.09 -6.04 26.20
C VAL A 432 14.53 -5.84 25.71
N GLU A 433 14.78 -4.70 25.07
CA GLU A 433 16.13 -4.27 24.62
C GLU A 433 16.74 -3.37 25.70
N GLU A 434 17.92 -3.74 26.21
CA GLU A 434 18.71 -2.92 27.18
C GLU A 434 19.46 -1.83 26.40
N GLY A 435 19.99 -0.84 27.13
CA GLY A 435 20.66 0.34 26.56
C GLY A 435 20.38 1.57 27.41
N ALA A 436 20.86 2.73 27.00
CA ALA A 436 20.54 4.04 27.63
C ALA A 436 19.03 4.08 27.92
N VAL A 437 18.23 3.93 26.86
CA VAL A 437 16.74 3.85 26.90
C VAL A 437 16.34 2.39 26.70
N LYS A 438 15.70 1.78 27.69
CA LYS A 438 15.10 0.42 27.58
C LYS A 438 13.92 0.53 26.59
N ARG A 439 13.79 -0.42 25.66
CA ARG A 439 12.71 -0.42 24.63
C ARG A 439 12.08 -1.80 24.56
N ILE A 440 10.83 -1.87 24.09
CA ILE A 440 10.15 -3.15 23.75
C ILE A 440 10.25 -3.33 22.25
N ASN A 441 10.78 -4.46 21.81
CA ASN A 441 10.85 -4.83 20.37
C ASN A 441 9.49 -5.44 19.99
N MET A 442 8.69 -4.71 19.22
CA MET A 442 7.29 -5.12 18.96
C MET A 442 7.27 -6.31 17.99
N ALA A 443 8.29 -6.46 17.15
CA ALA A 443 8.43 -7.62 16.23
C ALA A 443 8.63 -8.89 17.06
N HIS A 444 9.46 -8.84 18.10
CA HIS A 444 9.70 -9.99 19.00
C HIS A 444 8.39 -10.35 19.70
N LEU A 445 7.63 -9.35 20.17
CA LEU A 445 6.32 -9.57 20.81
C LEU A 445 5.39 -10.30 19.83
N CYS A 446 5.32 -9.84 18.58
CA CYS A 446 4.44 -10.43 17.55
C CYS A 446 4.80 -11.89 17.28
N ILE A 447 6.08 -12.23 17.20
CA ILE A 447 6.50 -13.62 16.90
C ILE A 447 6.12 -14.52 18.08
N ALA A 448 6.45 -14.09 19.30
CA ALA A 448 6.11 -14.83 20.54
C ALA A 448 4.60 -15.10 20.61
N GLY A 449 3.76 -14.13 20.25
CA GLY A 449 2.31 -14.16 20.49
C GLY A 449 1.46 -14.60 19.31
N SER A 450 2.08 -15.08 18.22
CA SER A 450 1.39 -15.46 16.95
C SER A 450 1.69 -16.93 16.61
N HIS A 451 0.71 -17.65 16.05
CA HIS A 451 0.89 -19.04 15.52
C HIS A 451 1.51 -19.00 14.11
N ALA A 452 1.51 -17.85 13.43
CA ALA A 452 2.05 -17.73 12.06
C ALA A 452 2.69 -16.37 11.89
N VAL A 453 3.88 -16.38 11.28
CA VAL A 453 4.68 -15.18 10.89
C VAL A 453 4.97 -15.34 9.40
N ASN A 454 4.64 -14.36 8.59
CA ASN A 454 4.92 -14.46 7.13
C ASN A 454 5.63 -13.20 6.66
N GLY A 455 6.53 -13.40 5.70
CA GLY A 455 7.01 -12.37 4.77
C GLY A 455 6.12 -12.32 3.56
N VAL A 456 6.43 -11.43 2.63
CA VAL A 456 5.45 -10.99 1.60
C VAL A 456 5.98 -11.30 0.20
N ALA A 457 7.11 -12.01 0.12
CA ALA A 457 7.69 -12.56 -1.13
C ALA A 457 8.71 -13.63 -0.76
N ARG A 458 8.95 -14.59 -1.64
CA ARG A 458 9.76 -15.78 -1.28
C ARG A 458 11.14 -15.34 -0.77
N ILE A 459 11.81 -14.42 -1.45
CA ILE A 459 13.19 -13.99 -1.07
C ILE A 459 13.16 -13.29 0.31
N HIS A 460 12.13 -12.48 0.56
CA HIS A 460 11.94 -11.76 1.84
C HIS A 460 11.73 -12.77 2.98
N SER A 461 10.84 -13.74 2.79
CA SER A 461 10.53 -14.77 3.82
C SER A 461 11.78 -15.58 4.14
N GLU A 462 12.61 -15.84 3.13
CA GLU A 462 13.89 -16.58 3.30
C GLU A 462 14.86 -15.70 4.10
N ILE A 463 14.93 -14.40 3.78
CA ILE A 463 15.83 -13.45 4.49
C ILE A 463 15.41 -13.35 5.97
N LEU A 464 14.10 -13.39 6.28
CA LEU A 464 13.59 -13.36 7.68
C LEU A 464 14.15 -14.55 8.45
N LYS A 465 14.14 -15.74 7.85
CA LYS A 465 14.54 -17.00 8.53
C LYS A 465 16.08 -17.08 8.68
N LYS A 466 16.83 -16.44 7.77
CA LYS A 466 18.32 -16.52 7.73
C LYS A 466 18.97 -15.39 8.51
N THR A 467 18.35 -14.22 8.65
CA THR A 467 18.97 -13.03 9.27
C THR A 467 18.16 -12.55 10.49
N ILE A 468 17.23 -11.62 10.33
CA ILE A 468 16.70 -10.84 11.48
C ILE A 468 15.90 -11.74 12.43
N PHE A 469 15.22 -12.79 11.96
CA PHE A 469 14.42 -13.67 12.88
C PHE A 469 15.02 -15.07 12.96
N LYS A 470 16.30 -15.23 12.62
CA LYS A 470 17.00 -16.54 12.61
C LYS A 470 16.80 -17.26 13.95
N ASP A 471 16.99 -16.58 15.08
CA ASP A 471 16.89 -17.20 16.43
C ASP A 471 15.47 -17.75 16.65
N PHE A 472 14.43 -17.04 16.18
CA PHE A 472 13.01 -17.39 16.39
C PHE A 472 12.67 -18.60 15.51
N TYR A 473 13.15 -18.60 14.27
CA TYR A 473 13.00 -19.71 13.32
C TYR A 473 13.61 -20.99 13.92
N GLU A 474 14.76 -20.88 14.58
CA GLU A 474 15.44 -22.06 15.18
C GLU A 474 14.58 -22.62 16.31
N LEU A 475 13.92 -21.74 17.09
CA LEU A 475 13.07 -22.19 18.23
C LEU A 475 11.74 -22.75 17.71
N GLU A 476 11.12 -22.12 16.71
CA GLU A 476 9.73 -22.47 16.29
C GLU A 476 9.62 -22.40 14.77
N PRO A 477 10.25 -23.34 14.05
CA PRO A 477 10.30 -23.26 12.59
C PRO A 477 8.92 -23.33 11.95
N HIS A 478 7.98 -24.05 12.57
CA HIS A 478 6.58 -24.25 12.10
C HIS A 478 5.82 -22.91 11.94
N LYS A 479 6.21 -21.86 12.67
CA LYS A 479 5.52 -20.54 12.64
C LYS A 479 5.79 -19.80 11.32
N PHE A 480 6.93 -20.03 10.68
CA PHE A 480 7.44 -19.16 9.59
C PHE A 480 6.88 -19.60 8.24
N GLN A 481 6.18 -18.67 7.57
CA GLN A 481 5.55 -18.91 6.27
C GLN A 481 5.94 -17.82 5.29
N ASN A 482 5.66 -18.07 4.02
CA ASN A 482 5.66 -17.06 2.93
C ASN A 482 4.23 -16.88 2.43
N LYS A 483 3.86 -15.64 2.13
CA LYS A 483 2.63 -15.30 1.39
C LYS A 483 3.02 -14.20 0.40
N THR A 484 3.35 -14.58 -0.82
CA THR A 484 3.76 -13.60 -1.83
C THR A 484 2.58 -12.67 -2.06
N ASN A 485 2.86 -11.38 -2.10
CA ASN A 485 1.84 -10.31 -2.29
C ASN A 485 1.16 -10.45 -3.65
N GLY A 486 0.06 -9.74 -3.79
CA GLY A 486 -0.69 -9.63 -5.05
C GLY A 486 -1.45 -8.32 -5.09
N ILE A 487 -2.10 -8.08 -6.22
CA ILE A 487 -2.92 -6.87 -6.50
C ILE A 487 -4.28 -7.34 -7.01
N THR A 488 -5.33 -6.57 -6.78
CA THR A 488 -6.67 -6.94 -7.27
C THR A 488 -6.75 -6.62 -8.75
N PRO A 489 -7.12 -7.60 -9.60
CA PRO A 489 -7.28 -7.33 -11.03
C PRO A 489 -8.56 -6.53 -11.35
N ARG A 490 -9.44 -6.31 -10.36
CA ARG A 490 -10.61 -5.42 -10.57
C ARG A 490 -10.10 -3.99 -10.72
N ARG A 491 -9.51 -3.42 -9.65
CA ARG A 491 -8.98 -2.04 -9.72
C ARG A 491 -7.85 -1.97 -10.75
N TRP A 492 -6.94 -2.93 -10.78
CA TRP A 492 -5.64 -2.76 -11.46
C TRP A 492 -5.65 -3.34 -12.88
N LEU A 493 -6.82 -3.75 -13.39
CA LEU A 493 -6.95 -4.01 -14.86
C LEU A 493 -8.31 -3.52 -15.37
N VAL A 494 -9.41 -4.07 -14.87
CA VAL A 494 -10.78 -3.80 -15.41
C VAL A 494 -11.08 -2.30 -15.26
N LEU A 495 -10.83 -1.75 -14.07
CA LEU A 495 -11.16 -0.34 -13.76
C LEU A 495 -10.22 0.60 -14.52
N CYS A 496 -8.89 0.41 -14.42
CA CYS A 496 -7.93 1.43 -14.92
C CYS A 496 -7.58 1.19 -16.39
N ASN A 497 -7.86 0.00 -16.93
CA ASN A 497 -7.43 -0.33 -18.32
C ASN A 497 -8.52 -1.13 -19.03
N PRO A 498 -9.72 -0.55 -19.22
CA PRO A 498 -10.84 -1.29 -19.82
C PRO A 498 -10.53 -1.78 -21.25
N GLY A 499 -9.80 -0.97 -22.02
CA GLY A 499 -9.29 -1.31 -23.37
C GLY A 499 -8.57 -2.65 -23.39
N LEU A 500 -7.61 -2.84 -22.47
CA LEU A 500 -6.84 -4.11 -22.39
C LEU A 500 -7.77 -5.23 -21.91
N ALA A 501 -8.60 -4.97 -20.92
CA ALA A 501 -9.51 -6.00 -20.36
C ALA A 501 -10.42 -6.52 -21.49
N GLU A 502 -10.84 -5.64 -22.39
CA GLU A 502 -11.81 -5.96 -23.46
C GLU A 502 -11.14 -6.87 -24.52
N ILE A 503 -9.97 -6.48 -25.04
CA ILE A 503 -9.27 -7.28 -26.09
C ILE A 503 -8.88 -8.64 -25.50
N ILE A 504 -8.60 -8.73 -24.20
CA ILE A 504 -8.40 -10.06 -23.56
C ILE A 504 -9.72 -10.83 -23.54
N ALA A 505 -10.82 -10.18 -23.12
CA ALA A 505 -12.14 -10.84 -22.95
C ALA A 505 -12.62 -11.36 -24.32
N GLU A 506 -12.33 -10.62 -25.39
CA GLU A 506 -12.69 -11.02 -26.78
C GLU A 506 -12.17 -12.43 -27.08
N ARG A 507 -10.97 -12.76 -26.60
CA ARG A 507 -10.28 -14.03 -26.92
C ARG A 507 -10.63 -15.12 -25.91
N ILE A 508 -10.66 -14.84 -24.61
CA ILE A 508 -10.69 -15.93 -23.58
C ILE A 508 -11.92 -15.78 -22.66
N GLY A 509 -12.81 -14.82 -22.94
CA GLY A 509 -14.01 -14.60 -22.12
C GLY A 509 -13.67 -13.81 -20.86
N GLU A 510 -14.60 -13.74 -19.91
CA GLU A 510 -14.57 -12.81 -18.75
C GLU A 510 -14.12 -13.49 -17.46
N GLU A 511 -14.04 -14.82 -17.41
CA GLU A 511 -13.82 -15.61 -16.17
C GLU A 511 -12.48 -15.23 -15.51
N TYR A 512 -11.52 -14.70 -16.29
CA TYR A 512 -10.15 -14.40 -15.82
C TYR A 512 -10.18 -13.29 -14.75
N ILE A 513 -11.23 -12.49 -14.70
CA ILE A 513 -11.29 -11.31 -13.80
C ILE A 513 -11.34 -11.78 -12.33
N SER A 514 -11.86 -12.98 -12.07
CA SER A 514 -11.87 -13.61 -10.72
C SER A 514 -11.10 -14.93 -10.73
N ASP A 515 -10.27 -15.17 -11.75
CA ASP A 515 -9.41 -16.36 -11.88
C ASP A 515 -8.26 -16.00 -12.81
N LEU A 516 -7.29 -15.21 -12.33
CA LEU A 516 -6.33 -14.51 -13.21
C LEU A 516 -5.36 -15.49 -13.87
N ASP A 517 -5.21 -16.71 -13.34
CA ASP A 517 -4.37 -17.78 -13.96
C ASP A 517 -4.84 -18.06 -15.39
N GLN A 518 -6.10 -17.78 -15.73
CA GLN A 518 -6.63 -17.98 -17.09
C GLN A 518 -5.89 -17.11 -18.12
N LEU A 519 -5.16 -16.08 -17.68
CA LEU A 519 -4.36 -15.24 -18.62
C LEU A 519 -3.33 -16.11 -19.35
N ARG A 520 -2.89 -17.24 -18.76
CA ARG A 520 -1.93 -18.19 -19.41
C ARG A 520 -2.44 -18.59 -20.80
N LYS A 521 -3.77 -18.65 -20.99
CA LYS A 521 -4.39 -18.96 -22.31
C LYS A 521 -3.87 -17.98 -23.37
N LEU A 522 -3.40 -16.78 -22.98
CA LEU A 522 -2.96 -15.76 -23.97
C LEU A 522 -1.64 -16.17 -24.64
N LEU A 523 -0.89 -17.12 -24.08
CA LEU A 523 0.39 -17.58 -24.70
C LEU A 523 0.09 -18.13 -26.11
N SER A 524 -1.13 -18.65 -26.34
CA SER A 524 -1.63 -19.15 -27.64
C SER A 524 -1.72 -18.04 -28.70
N TYR A 525 -1.58 -16.77 -28.34
CA TYR A 525 -1.82 -15.62 -29.24
C TYR A 525 -0.56 -14.80 -29.45
N VAL A 526 0.58 -15.26 -28.93
CA VAL A 526 1.87 -14.52 -29.02
C VAL A 526 2.29 -14.37 -30.49
N ASP A 527 1.85 -15.25 -31.38
CA ASP A 527 2.18 -15.18 -32.84
C ASP A 527 0.95 -14.74 -33.64
N ASP A 528 -0.14 -14.32 -32.98
CA ASP A 528 -1.39 -13.87 -33.64
C ASP A 528 -1.23 -12.39 -33.99
N GLU A 529 -1.16 -12.08 -35.29
CA GLU A 529 -0.91 -10.71 -35.81
C GLU A 529 -2.03 -9.76 -35.34
N ALA A 530 -3.28 -10.24 -35.24
CA ALA A 530 -4.42 -9.40 -34.82
C ALA A 530 -4.20 -8.96 -33.35
N PHE A 531 -3.94 -9.91 -32.46
CA PHE A 531 -3.72 -9.67 -31.01
C PHE A 531 -2.52 -8.73 -30.79
N ILE A 532 -1.39 -8.97 -31.48
CA ILE A 532 -0.19 -8.09 -31.41
C ILE A 532 -0.61 -6.65 -31.74
N ARG A 533 -1.38 -6.45 -32.81
CA ARG A 533 -1.84 -5.11 -33.24
C ARG A 533 -2.72 -4.49 -32.15
N ASP A 534 -3.61 -5.30 -31.57
CA ASP A 534 -4.62 -4.85 -30.56
C ASP A 534 -3.89 -4.44 -29.28
N VAL A 535 -2.94 -5.25 -28.80
CA VAL A 535 -2.16 -4.96 -27.56
C VAL A 535 -1.43 -3.62 -27.76
N ALA A 536 -0.72 -3.46 -28.88
CA ALA A 536 0.05 -2.24 -29.21
C ALA A 536 -0.89 -1.03 -29.35
N LYS A 537 -2.09 -1.22 -29.90
CA LYS A 537 -3.06 -0.11 -30.10
C LYS A 537 -3.57 0.36 -28.72
N VAL A 538 -3.89 -0.58 -27.83
CA VAL A 538 -4.40 -0.25 -26.45
C VAL A 538 -3.34 0.60 -25.72
N LYS A 539 -2.07 0.21 -25.77
CA LYS A 539 -0.95 0.96 -25.14
C LYS A 539 -0.86 2.36 -25.76
N GLN A 540 -0.91 2.45 -27.09
CA GLN A 540 -0.82 3.75 -27.79
C GLN A 540 -1.97 4.66 -27.34
N GLU A 541 -3.19 4.12 -27.25
CA GLU A 541 -4.38 4.91 -26.80
C GLU A 541 -4.17 5.38 -25.35
N ASN A 542 -3.70 4.49 -24.47
CA ASN A 542 -3.46 4.83 -23.05
C ASN A 542 -2.43 5.97 -22.98
N LYS A 543 -1.39 5.92 -23.81
CA LYS A 543 -0.29 6.92 -23.81
C LYS A 543 -0.78 8.28 -24.32
N LEU A 544 -1.63 8.30 -25.36
CA LEU A 544 -2.26 9.54 -25.88
C LEU A 544 -3.14 10.15 -24.79
N LYS A 545 -3.98 9.33 -24.15
CA LYS A 545 -4.88 9.76 -23.05
C LYS A 545 -4.05 10.40 -21.94
N PHE A 546 -2.93 9.77 -21.54
CA PHE A 546 -2.10 10.28 -20.42
C PHE A 546 -1.36 11.55 -20.85
N ALA A 547 -0.86 11.61 -22.08
CA ALA A 547 -0.17 12.79 -22.66
C ALA A 547 -1.12 14.00 -22.66
N ALA A 548 -2.41 13.76 -22.90
CA ALA A 548 -3.49 14.78 -22.94
C ALA A 548 -3.73 15.30 -21.51
N TYR A 549 -3.88 14.38 -20.55
CA TYR A 549 -4.09 14.68 -19.10
C TYR A 549 -3.00 15.63 -18.62
N LEU A 550 -1.73 15.35 -18.99
CA LEU A 550 -0.54 16.14 -18.60
C LEU A 550 -0.68 17.58 -19.12
N GLU A 551 -1.05 17.77 -20.39
CA GLU A 551 -1.25 19.11 -21.01
C GLU A 551 -2.41 19.83 -20.31
N ARG A 552 -3.58 19.19 -20.20
CA ARG A 552 -4.82 19.79 -19.63
C ARG A 552 -4.55 20.28 -18.19
N GLU A 553 -4.16 19.36 -17.29
CA GLU A 553 -4.10 19.59 -15.81
C GLU A 553 -2.79 20.25 -15.40
N TYR A 554 -1.69 20.07 -16.14
CA TYR A 554 -0.33 20.51 -15.71
C TYR A 554 0.42 21.27 -16.82
N LYS A 555 -0.23 21.63 -17.93
CA LYS A 555 0.36 22.44 -19.05
C LYS A 555 1.76 21.90 -19.39
N VAL A 556 1.90 20.57 -19.42
CA VAL A 556 3.16 19.83 -19.77
C VAL A 556 2.94 19.13 -21.12
N HIS A 557 3.86 19.33 -22.08
CA HIS A 557 3.87 18.68 -23.41
C HIS A 557 4.89 17.53 -23.44
N ILE A 558 4.48 16.35 -23.93
CA ILE A 558 5.36 15.17 -24.12
C ILE A 558 5.12 14.56 -25.51
N ASN A 559 6.14 13.91 -26.06
CA ASN A 559 6.09 13.13 -27.33
C ASN A 559 5.46 11.77 -27.03
N PRO A 560 4.22 11.50 -27.49
CA PRO A 560 3.55 10.23 -27.17
C PRO A 560 4.11 9.03 -27.94
N ASN A 561 5.02 9.25 -28.89
CA ASN A 561 5.73 8.15 -29.60
C ASN A 561 7.01 7.76 -28.85
N SER A 562 7.40 8.51 -27.81
CA SER A 562 8.59 8.19 -26.98
C SER A 562 8.29 6.95 -26.11
N LEU A 563 9.34 6.28 -25.67
CA LEU A 563 9.27 5.20 -24.66
C LEU A 563 8.92 5.86 -23.32
N PHE A 564 7.81 5.44 -22.69
CA PHE A 564 7.37 5.96 -21.36
C PHE A 564 8.07 5.13 -20.26
N ASP A 565 9.11 5.74 -19.68
CA ASP A 565 10.02 5.14 -18.68
C ASP A 565 9.58 5.67 -17.30
N VAL A 566 8.98 4.82 -16.48
CA VAL A 566 8.19 5.27 -15.29
C VAL A 566 8.76 4.62 -14.03
N GLN A 567 9.04 5.46 -13.04
CA GLN A 567 9.37 5.03 -11.66
C GLN A 567 8.47 5.79 -10.69
N VAL A 568 7.42 5.15 -10.20
CA VAL A 568 6.45 5.76 -9.25
C VAL A 568 6.37 4.87 -8.00
N LYS A 569 6.60 5.49 -6.85
CA LYS A 569 6.70 4.84 -5.53
C LYS A 569 7.18 5.91 -4.55
N ARG A 570 7.06 5.68 -3.26
CA ARG A 570 7.57 6.64 -2.26
C ARG A 570 9.07 6.88 -2.50
N ILE A 571 9.55 8.08 -2.21
CA ILE A 571 10.98 8.45 -2.36
C ILE A 571 11.73 7.90 -1.14
N HIS A 572 12.56 6.88 -1.36
N HIS A 572 12.53 6.86 -1.33
CA HIS A 572 13.43 6.22 -0.35
CA HIS A 572 13.49 6.38 -0.31
C HIS A 572 14.81 5.94 -0.98
C HIS A 572 14.82 6.06 -1.00
N GLU A 573 15.91 6.20 -0.26
CA GLU A 573 17.26 5.81 -0.77
C GLU A 573 17.28 4.35 -1.24
N TYR A 574 16.63 3.42 -0.53
CA TYR A 574 16.72 1.99 -0.90
C TYR A 574 16.08 1.75 -2.28
N LYS A 575 15.12 2.57 -2.68
CA LYS A 575 14.40 2.42 -3.98
C LYS A 575 15.27 2.97 -5.13
N ARG A 576 16.29 3.77 -4.81
CA ARG A 576 17.36 4.21 -5.75
C ARG A 576 16.78 4.98 -6.96
N GLN A 577 15.85 5.90 -6.71
CA GLN A 577 15.52 6.99 -7.67
C GLN A 577 16.83 7.63 -8.12
N LEU A 578 17.85 7.66 -7.27
CA LEU A 578 19.18 8.28 -7.63
C LEU A 578 19.86 7.49 -8.77
N LEU A 579 19.75 6.16 -8.78
CA LEU A 579 20.35 5.35 -9.87
C LEU A 579 19.67 5.73 -11.19
N ASN A 580 18.34 5.89 -11.18
CA ASN A 580 17.57 6.35 -12.35
C ASN A 580 18.09 7.72 -12.78
N CYS A 581 18.24 8.67 -11.86
CA CYS A 581 18.81 10.02 -12.15
C CYS A 581 20.17 9.91 -12.86
N LEU A 582 21.05 9.00 -12.42
CA LEU A 582 22.41 8.86 -13.01
C LEU A 582 22.26 8.41 -14.47
N HIS A 583 21.30 7.52 -14.75
CA HIS A 583 21.05 7.02 -16.12
C HIS A 583 20.57 8.18 -17.00
N VAL A 584 19.62 8.98 -16.52
CA VAL A 584 19.05 10.14 -17.26
C VAL A 584 20.18 11.09 -17.64
N ILE A 585 21.07 11.42 -16.70
CA ILE A 585 22.23 12.34 -16.96
C ILE A 585 23.18 11.67 -17.94
N THR A 586 23.37 10.35 -17.87
CA THR A 586 24.23 9.59 -18.82
C THR A 586 23.67 9.78 -20.24
N LEU A 587 22.36 9.59 -20.44
CA LEU A 587 21.72 9.72 -21.78
C LEU A 587 21.86 11.17 -22.28
N TYR A 588 21.63 12.15 -21.40
CA TYR A 588 21.78 13.57 -21.74
C TYR A 588 23.21 13.86 -22.21
N ASN A 589 24.21 13.39 -21.45
CA ASN A 589 25.65 13.61 -21.77
C ASN A 589 26.01 12.93 -23.10
N ARG A 590 25.53 11.71 -23.35
CA ARG A 590 25.75 10.98 -24.62
C ARG A 590 25.18 11.78 -25.80
N ILE A 591 23.97 12.32 -25.66
CA ILE A 591 23.32 13.15 -26.73
C ILE A 591 24.17 14.41 -26.96
N LYS A 592 24.60 15.11 -25.91
CA LYS A 592 25.42 16.35 -26.05
C LYS A 592 26.75 16.02 -26.74
N LYS A 593 27.30 14.83 -26.51
CA LYS A 593 28.60 14.39 -27.08
C LYS A 593 28.44 14.05 -28.57
N GLU A 594 27.31 13.47 -28.97
CA GLU A 594 27.03 13.02 -30.36
C GLU A 594 25.62 13.43 -30.76
N PRO A 595 25.37 14.75 -30.90
CA PRO A 595 24.02 15.25 -31.08
C PRO A 595 23.30 14.66 -32.31
N ASN A 596 24.05 14.29 -33.36
CA ASN A 596 23.46 13.94 -34.68
C ASN A 596 23.30 12.43 -34.81
N LYS A 597 23.56 11.67 -33.74
CA LYS A 597 23.34 10.19 -33.69
C LYS A 597 21.89 9.92 -33.27
N PHE A 598 21.28 8.87 -33.82
CA PHE A 598 19.90 8.47 -33.45
C PHE A 598 19.94 7.81 -32.07
N VAL A 599 19.00 8.19 -31.20
CA VAL A 599 18.69 7.46 -29.93
C VAL A 599 17.18 7.31 -29.84
N VAL A 600 16.72 6.21 -29.24
CA VAL A 600 15.27 5.96 -29.01
C VAL A 600 14.76 7.07 -28.08
N PRO A 601 13.78 7.88 -28.53
CA PRO A 601 13.20 8.93 -27.69
C PRO A 601 12.60 8.34 -26.41
N ARG A 602 12.79 9.03 -25.29
CA ARG A 602 12.22 8.61 -23.99
C ARG A 602 11.55 9.78 -23.29
N THR A 603 10.44 9.48 -22.61
CA THR A 603 9.87 10.35 -21.56
C THR A 603 10.14 9.63 -20.23
N VAL A 604 11.04 10.20 -19.42
CA VAL A 604 11.38 9.62 -18.09
C VAL A 604 10.50 10.33 -17.07
N MET A 605 9.61 9.57 -16.44
CA MET A 605 8.66 10.07 -15.43
C MET A 605 9.01 9.45 -14.08
N ILE A 606 9.22 10.30 -13.08
CA ILE A 606 9.48 9.87 -11.69
C ILE A 606 8.44 10.58 -10.81
N GLY A 607 7.79 9.82 -9.95
CA GLY A 607 6.84 10.42 -8.99
C GLY A 607 6.87 9.71 -7.66
N GLY A 608 6.41 10.41 -6.63
CA GLY A 608 6.28 9.85 -5.27
C GLY A 608 6.49 10.91 -4.23
N LYS A 609 5.96 10.67 -3.05
CA LYS A 609 6.04 11.59 -1.91
C LYS A 609 7.26 11.24 -1.05
N ALA A 610 7.89 12.26 -0.50
CA ALA A 610 8.94 12.14 0.53
C ALA A 610 8.29 12.38 1.90
N ALA A 611 8.69 11.61 2.91
CA ALA A 611 8.28 11.87 4.32
C ALA A 611 8.76 13.27 4.71
N PRO A 612 7.91 14.10 5.33
CA PRO A 612 8.26 15.48 5.66
C PRO A 612 9.61 15.74 6.35
N GLY A 613 10.11 14.85 7.20
CA GLY A 613 11.40 15.09 7.90
C GLY A 613 12.63 14.54 7.19
N TYR A 614 12.47 13.81 6.08
CA TYR A 614 13.53 13.01 5.40
C TYR A 614 14.26 13.92 4.41
N HIS A 615 15.29 14.64 4.88
CA HIS A 615 16.04 15.68 4.13
C HIS A 615 16.57 15.12 2.80
N MET A 616 17.23 13.96 2.82
CA MET A 616 17.83 13.35 1.60
C MET A 616 16.72 13.09 0.57
N ALA A 617 15.56 12.57 0.97
CA ALA A 617 14.41 12.32 0.06
C ALA A 617 13.96 13.65 -0.58
N LYS A 618 13.93 14.74 0.20
CA LYS A 618 13.53 16.06 -0.32
C LYS A 618 14.58 16.57 -1.31
N MET A 619 15.86 16.31 -1.07
CA MET A 619 16.97 16.73 -1.98
C MET A 619 16.88 15.94 -3.29
N ILE A 620 16.49 14.66 -3.24
CA ILE A 620 16.35 13.80 -4.45
C ILE A 620 15.23 14.34 -5.35
N ILE A 621 14.11 14.78 -4.78
CA ILE A 621 13.01 15.40 -5.59
C ILE A 621 13.56 16.65 -6.26
N LYS A 622 14.32 17.45 -5.51
CA LYS A 622 14.88 18.71 -6.06
C LYS A 622 15.86 18.38 -7.19
N LEU A 623 16.69 17.35 -7.05
CA LEU A 623 17.62 16.92 -8.13
C LEU A 623 16.82 16.55 -9.39
N ILE A 624 15.72 15.79 -9.25
CA ILE A 624 14.94 15.33 -10.44
C ILE A 624 14.38 16.54 -11.19
N THR A 625 13.80 17.51 -10.50
CA THR A 625 13.24 18.74 -11.13
C THR A 625 14.38 19.56 -11.73
N ALA A 626 15.56 19.61 -11.08
CA ALA A 626 16.75 20.37 -11.54
C ALA A 626 17.31 19.77 -12.85
N ILE A 627 17.30 18.44 -12.97
CA ILE A 627 17.70 17.72 -14.21
C ILE A 627 16.70 18.07 -15.31
N GLY A 628 15.39 17.99 -15.02
CA GLY A 628 14.31 18.42 -15.93
C GLY A 628 14.53 19.84 -16.44
N ASP A 629 14.89 20.77 -15.56
CA ASP A 629 15.12 22.19 -15.89
C ASP A 629 16.20 22.32 -16.98
N VAL A 630 17.24 21.49 -16.92
CA VAL A 630 18.37 21.52 -17.90
C VAL A 630 17.94 20.77 -19.17
N VAL A 631 17.53 19.51 -19.02
CA VAL A 631 17.31 18.59 -20.16
C VAL A 631 16.15 19.10 -21.03
N ASN A 632 15.06 19.56 -20.42
CA ASN A 632 13.77 19.82 -21.12
C ASN A 632 13.86 21.13 -21.92
N HIS A 633 14.88 21.95 -21.68
CA HIS A 633 15.03 23.28 -22.33
C HIS A 633 16.29 23.32 -23.21
N ASP A 634 16.95 22.18 -23.41
CA ASP A 634 18.17 22.09 -24.27
C ASP A 634 17.70 21.86 -25.71
N PRO A 635 17.93 22.84 -26.61
CA PRO A 635 17.43 22.75 -27.99
C PRO A 635 18.07 21.59 -28.78
N VAL A 636 19.30 21.20 -28.43
CA VAL A 636 20.04 20.10 -29.10
C VAL A 636 19.36 18.76 -28.79
N VAL A 637 18.74 18.62 -27.61
CA VAL A 637 18.03 17.37 -27.19
C VAL A 637 16.72 17.26 -27.96
N GLY A 638 16.00 18.38 -28.09
CA GLY A 638 14.68 18.45 -28.73
C GLY A 638 13.68 17.57 -27.98
N ASP A 639 12.93 16.74 -28.71
CA ASP A 639 11.90 15.82 -28.14
C ASP A 639 12.50 14.42 -27.96
N ARG A 640 13.83 14.27 -27.91
CA ARG A 640 14.47 12.95 -27.78
C ARG A 640 14.55 12.52 -26.30
N LEU A 641 14.51 13.46 -25.37
CA LEU A 641 14.56 13.16 -23.92
C LEU A 641 13.77 14.21 -23.15
N ARG A 642 12.82 13.76 -22.34
CA ARG A 642 12.02 14.61 -21.43
C ARG A 642 12.06 13.98 -20.05
N VAL A 643 12.25 14.80 -19.01
CA VAL A 643 12.25 14.33 -17.58
C VAL A 643 11.14 15.09 -16.85
N ILE A 644 10.13 14.36 -16.40
CA ILE A 644 8.91 14.90 -15.75
C ILE A 644 8.86 14.35 -14.32
N PHE A 645 8.69 15.23 -13.33
CA PHE A 645 8.35 14.80 -11.96
C PHE A 645 6.82 14.80 -11.84
N LEU A 646 6.23 13.62 -11.62
CA LEU A 646 4.77 13.47 -11.48
C LEU A 646 4.35 13.87 -10.06
N GLU A 647 3.71 15.02 -9.96
CA GLU A 647 3.34 15.65 -8.67
CA GLU A 647 3.29 15.69 -8.70
C GLU A 647 2.15 14.88 -8.05
N ASN A 648 2.20 14.70 -6.73
CA ASN A 648 1.07 14.18 -5.93
C ASN A 648 0.68 12.75 -6.32
N TYR A 649 1.67 11.88 -6.50
CA TYR A 649 1.44 10.45 -6.78
C TYR A 649 0.59 9.85 -5.66
N ARG A 650 -0.48 9.17 -6.07
CA ARG A 650 -1.54 8.62 -5.20
C ARG A 650 -2.30 7.58 -6.02
N VAL A 651 -3.27 6.91 -5.42
CA VAL A 651 -3.93 5.74 -6.07
C VAL A 651 -4.59 6.22 -7.38
N SER A 652 -5.26 7.37 -7.40
CA SER A 652 -5.98 7.86 -8.61
CA SER A 652 -5.97 7.86 -8.61
C SER A 652 -4.97 8.16 -9.73
N LEU A 653 -3.79 8.69 -9.41
CA LEU A 653 -2.74 8.95 -10.43
C LEU A 653 -2.10 7.63 -10.91
N ALA A 654 -1.93 6.64 -10.03
CA ALA A 654 -1.45 5.29 -10.41
C ALA A 654 -2.37 4.68 -11.48
N GLU A 655 -3.67 4.84 -11.32
CA GLU A 655 -4.68 4.27 -12.24
C GLU A 655 -4.54 4.90 -13.63
N LYS A 656 -4.00 6.12 -13.74
CA LYS A 656 -3.80 6.82 -15.03
C LYS A 656 -2.41 6.49 -15.63
N VAL A 657 -1.34 6.55 -14.85
CA VAL A 657 0.05 6.45 -15.41
C VAL A 657 0.40 4.99 -15.68
N ILE A 658 -0.01 4.04 -14.85
CA ILE A 658 0.46 2.64 -15.02
C ILE A 658 -0.02 2.08 -16.37
N PRO A 659 -1.30 2.22 -16.79
CA PRO A 659 -1.71 1.76 -18.12
C PRO A 659 -0.95 2.39 -19.30
N ALA A 660 -0.33 3.56 -19.09
CA ALA A 660 0.41 4.33 -20.12
C ALA A 660 1.89 3.93 -20.20
N ALA A 661 2.41 3.14 -19.25
CA ALA A 661 3.86 2.90 -19.09
C ALA A 661 4.35 1.84 -20.10
N ASP A 662 5.53 2.05 -20.66
CA ASP A 662 6.26 1.04 -21.48
C ASP A 662 7.26 0.29 -20.60
N LEU A 663 7.96 1.02 -19.73
CA LEU A 663 9.06 0.46 -18.91
C LEU A 663 8.80 0.79 -17.44
N SER A 664 8.79 -0.26 -16.62
CA SER A 664 8.62 -0.26 -15.15
C SER A 664 9.99 -0.35 -14.48
N GLU A 665 10.36 0.68 -13.72
CA GLU A 665 11.66 0.80 -12.99
C GLU A 665 11.48 0.22 -11.58
N GLN A 666 12.07 -0.95 -11.34
CA GLN A 666 12.00 -1.67 -10.04
C GLN A 666 13.43 -2.00 -9.62
N ILE A 667 14.16 -1.00 -9.11
CA ILE A 667 15.64 -0.99 -9.13
C ILE A 667 16.20 -0.82 -7.71
N SER A 668 15.48 -1.30 -6.71
CA SER A 668 15.92 -1.37 -5.29
C SER A 668 17.20 -2.21 -5.19
N THR A 669 18.09 -1.89 -4.25
CA THR A 669 19.25 -2.75 -3.93
C THR A 669 18.74 -4.13 -3.53
N ALA A 670 19.31 -5.19 -4.08
CA ALA A 670 18.92 -6.58 -3.76
C ALA A 670 18.88 -6.76 -2.23
N GLY A 671 17.77 -7.27 -1.71
CA GLY A 671 17.57 -7.53 -0.27
C GLY A 671 16.82 -6.42 0.47
N THR A 672 16.37 -5.34 -0.19
CA THR A 672 15.78 -4.18 0.56
C THR A 672 14.27 -4.07 0.33
N GLU A 673 13.75 -4.36 -0.87
CA GLU A 673 12.30 -4.24 -1.16
C GLU A 673 11.65 -5.58 -0.80
N ALA A 674 10.89 -5.66 0.30
CA ALA A 674 10.31 -6.93 0.81
C ALA A 674 9.56 -7.64 -0.33
N SER A 675 8.70 -6.94 -1.05
CA SER A 675 7.94 -7.50 -2.20
C SER A 675 7.93 -6.48 -3.34
N GLY A 676 7.34 -5.32 -3.09
CA GLY A 676 6.83 -4.43 -4.14
C GLY A 676 5.48 -4.93 -4.59
N THR A 677 4.59 -4.01 -4.98
CA THR A 677 3.27 -4.34 -5.59
C THR A 677 3.06 -3.48 -6.83
N GLY A 678 3.64 -2.28 -6.87
CA GLY A 678 3.70 -1.48 -8.11
C GLY A 678 4.25 -2.31 -9.26
N ASN A 679 5.29 -3.10 -9.00
CA ASN A 679 5.89 -3.99 -10.03
C ASN A 679 4.79 -4.83 -10.70
N MET A 680 3.90 -5.41 -9.91
CA MET A 680 2.82 -6.33 -10.37
C MET A 680 1.80 -5.56 -11.21
N1 LLP A 681 1.69 3.97 -3.79
C2 LLP A 681 0.60 3.81 -4.54
C2' LLP A 681 -0.32 4.98 -4.73
C3 LLP A 681 0.30 2.58 -5.12
O3 LLP A 681 -0.83 2.47 -5.88
C4 LLP A 681 1.16 1.48 -4.93
C4' LLP A 681 0.84 0.20 -5.57
C5 LLP A 681 2.30 1.68 -4.12
C6 LLP A 681 2.51 2.91 -3.58
C5' LLP A 681 3.31 0.59 -3.88
OP4 LLP A 681 4.32 0.73 -4.91
P LLP A 681 5.78 0.04 -4.79
OP1 LLP A 681 6.42 0.68 -3.60
OP2 LLP A 681 5.53 -1.44 -4.60
OP3 LLP A 681 6.41 0.39 -6.12
N LLP A 681 1.45 -4.33 -10.78
CA LLP A 681 0.52 -3.50 -11.51
CB LLP A 681 0.27 -2.16 -10.77
CG LLP A 681 -0.23 -2.28 -9.34
CD LLP A 681 -0.20 -0.96 -8.56
CE LLP A 681 -0.37 -1.18 -7.07
NZ LLP A 681 -0.20 0.07 -6.33
C LLP A 681 1.02 -3.23 -12.92
O LLP A 681 0.23 -3.28 -13.88
H2'1 LLP A 681 -1.07 4.72 -5.29
H2'2 LLP A 681 0.17 5.70 -5.17
H2'3 LLP A 681 -0.65 5.28 -3.88
HO3 LLP A 681 -0.87 1.67 -6.18
H4'1 LLP A 681 1.40 -0.53 -5.44
H6 LLP A 681 3.27 3.05 -3.06
H5'1 LLP A 681 2.88 -0.30 -3.93
H5'2 LLP A 681 3.71 0.69 -2.99
H LLP A 681 1.86 -3.98 -9.92
HA LLP A 681 -0.34 -3.97 -11.57
HB2 LLP A 681 -0.38 -1.64 -11.28
HB3 LLP A 681 1.12 -1.66 -10.77
HG2 LLP A 681 0.32 -2.94 -8.87
HG3 LLP A 681 -1.15 -2.61 -9.36
HD2 LLP A 681 -0.92 -0.38 -8.88
HD3 LLP A 681 0.64 -0.51 -8.72
HE2 LLP A 681 0.28 -1.84 -6.77
HE3 LLP A 681 -1.27 -1.53 -6.89
N PHE A 682 2.31 -2.91 -13.07
CA PHE A 682 2.89 -2.60 -14.37
C PHE A 682 2.89 -3.85 -15.27
N MET A 683 3.19 -5.01 -14.70
CA MET A 683 3.28 -6.28 -15.46
C MET A 683 1.89 -6.58 -16.06
N LEU A 684 0.83 -6.37 -15.27
CA LEU A 684 -0.56 -6.71 -15.66
C LEU A 684 -1.04 -5.77 -16.77
N ASN A 685 -0.44 -4.58 -16.90
CA ASN A 685 -0.92 -3.48 -17.77
C ASN A 685 -0.03 -3.29 -19.01
N GLY A 686 0.89 -4.20 -19.27
CA GLY A 686 1.62 -4.27 -20.56
C GLY A 686 2.86 -3.39 -20.60
N ALA A 687 3.52 -3.21 -19.46
CA ALA A 687 4.88 -2.62 -19.41
C ALA A 687 5.88 -3.75 -19.24
N LEU A 688 7.08 -3.57 -19.79
CA LEU A 688 8.22 -4.47 -19.50
C LEU A 688 8.95 -3.92 -18.28
N THR A 689 9.63 -4.79 -17.55
CA THR A 689 10.27 -4.45 -16.24
C THR A 689 11.80 -4.41 -16.42
N ILE A 690 12.42 -3.31 -15.99
CA ILE A 690 13.88 -3.31 -15.70
C ILE A 690 14.03 -3.34 -14.18
N GLY A 691 14.73 -4.33 -13.66
CA GLY A 691 14.73 -4.58 -12.22
C GLY A 691 15.90 -5.42 -11.75
N THR A 692 16.19 -5.28 -10.47
CA THR A 692 17.08 -6.17 -9.68
C THR A 692 16.31 -7.42 -9.26
N MET A 693 17.06 -8.44 -8.87
CA MET A 693 16.51 -9.68 -8.30
C MET A 693 16.20 -9.40 -6.83
N ASP A 694 15.13 -8.62 -6.62
CA ASP A 694 14.69 -8.16 -5.28
C ASP A 694 13.19 -8.37 -5.14
N GLY A 695 12.75 -8.71 -3.93
CA GLY A 695 11.32 -8.88 -3.60
C GLY A 695 10.64 -9.79 -4.60
N ALA A 696 9.46 -9.38 -5.07
CA ALA A 696 8.61 -10.22 -5.95
C ALA A 696 9.15 -10.20 -7.39
N ASN A 697 10.08 -9.29 -7.73
CA ASN A 697 10.70 -9.25 -9.08
C ASN A 697 11.23 -10.65 -9.42
N VAL A 698 11.81 -11.33 -8.43
CA VAL A 698 12.36 -12.72 -8.56
C VAL A 698 11.27 -13.66 -9.08
N GLU A 699 10.09 -13.61 -8.47
CA GLU A 699 8.97 -14.51 -8.80
C GLU A 699 8.34 -14.08 -10.11
N MET A 700 8.31 -12.78 -10.40
CA MET A 700 7.76 -12.28 -11.69
C MET A 700 8.64 -12.81 -12.83
N ALA A 701 9.97 -12.72 -12.71
CA ALA A 701 10.93 -13.21 -13.73
C ALA A 701 10.81 -14.73 -13.89
N GLU A 702 10.62 -15.45 -12.78
CA GLU A 702 10.43 -16.91 -12.76
C GLU A 702 9.16 -17.27 -13.53
N GLU A 703 8.06 -16.55 -13.32
CA GLU A 703 6.77 -16.81 -14.00
C GLU A 703 6.89 -16.52 -15.50
N ALA A 704 7.46 -15.38 -15.89
CA ALA A 704 7.46 -14.91 -17.30
C ALA A 704 8.60 -15.56 -18.10
N GLY A 705 9.68 -15.97 -17.42
CA GLY A 705 10.97 -16.33 -18.02
C GLY A 705 11.94 -15.17 -17.97
N GLU A 706 13.17 -15.41 -17.49
CA GLU A 706 14.23 -14.37 -17.37
C GLU A 706 14.50 -13.72 -18.74
N GLU A 707 14.25 -14.44 -19.84
CA GLU A 707 14.46 -13.91 -21.21
C GLU A 707 13.44 -12.81 -21.54
N ASN A 708 12.40 -12.64 -20.73
CA ASN A 708 11.31 -11.66 -20.99
C ASN A 708 11.30 -10.58 -19.91
N PHE A 709 12.39 -10.48 -19.14
CA PHE A 709 12.63 -9.46 -18.09
C PHE A 709 14.00 -8.82 -18.32
N PHE A 710 14.13 -7.53 -18.01
CA PHE A 710 15.42 -6.81 -18.07
C PHE A 710 16.02 -6.84 -16.68
N ILE A 711 16.66 -7.96 -16.32
CA ILE A 711 17.27 -8.19 -14.99
C ILE A 711 18.72 -7.72 -15.04
N PHE A 712 19.14 -6.93 -14.05
CA PHE A 712 20.54 -6.46 -13.94
C PHE A 712 20.94 -6.42 -12.46
N GLY A 713 22.25 -6.36 -12.25
CA GLY A 713 22.83 -5.87 -10.98
C GLY A 713 23.14 -6.99 -10.01
N MET A 714 23.66 -6.59 -8.87
CA MET A 714 24.02 -7.49 -7.75
C MET A 714 22.78 -8.30 -7.33
N ARG A 715 22.97 -9.61 -7.07
CA ARG A 715 22.03 -10.42 -6.28
C ARG A 715 22.35 -10.19 -4.80
N VAL A 716 21.51 -10.70 -3.90
CA VAL A 716 21.69 -10.55 -2.43
C VAL A 716 23.09 -11.05 -2.03
N GLU A 717 23.52 -12.19 -2.60
CA GLU A 717 24.84 -12.83 -2.35
C GLU A 717 25.98 -11.85 -2.68
N ASP A 718 25.83 -11.11 -3.79
CA ASP A 718 26.83 -10.12 -4.27
C ASP A 718 26.89 -8.95 -3.28
N VAL A 719 25.74 -8.48 -2.78
CA VAL A 719 25.70 -7.38 -1.79
C VAL A 719 26.45 -7.81 -0.53
N ASP A 720 26.19 -9.02 -0.05
CA ASP A 720 26.82 -9.61 1.18
C ASP A 720 28.34 -9.64 1.00
N ARG A 721 28.83 -10.16 -0.13
CA ARG A 721 30.30 -10.24 -0.42
C ARG A 721 30.89 -8.84 -0.40
N LEU A 722 30.23 -7.84 -1.00
CA LEU A 722 30.73 -6.45 -1.05
C LEU A 722 30.78 -5.87 0.39
N ASP A 723 29.77 -6.16 1.21
CA ASP A 723 29.71 -5.69 2.62
C ASP A 723 30.88 -6.31 3.42
N GLN A 724 31.21 -7.57 3.15
CA GLN A 724 32.27 -8.31 3.88
C GLN A 724 33.61 -7.60 3.66
N ARG A 725 33.96 -7.23 2.43
CA ARG A 725 35.27 -6.58 2.14
C ARG A 725 35.17 -5.06 2.28
N GLY A 726 33.95 -4.51 2.31
CA GLY A 726 33.70 -3.07 2.51
C GLY A 726 33.44 -2.34 1.20
N TYR A 727 32.36 -1.60 1.13
CA TYR A 727 31.95 -0.85 -0.08
C TYR A 727 32.78 0.44 -0.16
N ASN A 728 33.57 0.57 -1.22
CA ASN A 728 34.36 1.78 -1.54
C ASN A 728 33.85 2.39 -2.85
N ALA A 729 33.00 3.42 -2.74
CA ALA A 729 32.40 4.12 -3.89
C ALA A 729 33.50 4.74 -4.77
N GLN A 730 34.61 5.18 -4.16
CA GLN A 730 35.72 5.88 -4.87
C GLN A 730 36.22 5.02 -6.04
N GLU A 731 36.30 3.70 -5.84
CA GLU A 731 36.80 2.70 -6.81
C GLU A 731 36.00 2.83 -8.12
N TYR A 732 34.68 2.94 -8.03
CA TYR A 732 33.76 3.06 -9.21
C TYR A 732 33.98 4.42 -9.88
N TYR A 733 34.08 5.49 -9.08
CA TYR A 733 34.35 6.88 -9.56
C TYR A 733 35.67 6.91 -10.35
N ASP A 734 36.70 6.21 -9.85
CA ASP A 734 38.06 6.17 -10.47
C ASP A 734 38.03 5.39 -11.79
N ARG A 735 37.18 4.37 -11.92
CA ARG A 735 37.26 3.37 -13.03
C ARG A 735 36.26 3.64 -14.14
N ILE A 736 35.24 4.47 -13.91
CA ILE A 736 34.12 4.69 -14.88
C ILE A 736 34.08 6.17 -15.23
N PRO A 737 34.68 6.59 -16.37
CA PRO A 737 34.74 8.01 -16.74
C PRO A 737 33.37 8.69 -16.88
N GLU A 738 32.38 7.98 -17.41
CA GLU A 738 31.00 8.51 -17.57
C GLU A 738 30.42 8.84 -16.18
N LEU A 739 30.71 8.03 -15.16
CA LEU A 739 30.23 8.26 -13.77
C LEU A 739 30.96 9.47 -13.14
N ARG A 740 32.28 9.56 -13.33
CA ARG A 740 33.11 10.70 -12.85
C ARG A 740 32.54 12.01 -13.40
N GLN A 741 32.24 12.07 -14.69
CA GLN A 741 31.72 13.28 -15.37
C GLN A 741 30.44 13.75 -14.66
N ILE A 742 29.56 12.81 -14.32
CA ILE A 742 28.24 13.15 -13.68
C ILE A 742 28.50 13.75 -12.30
N ILE A 743 29.36 13.11 -11.50
CA ILE A 743 29.69 13.59 -10.13
C ILE A 743 30.32 14.98 -10.22
N GLU A 744 31.20 15.22 -11.20
CA GLU A 744 31.83 16.55 -11.41
C GLU A 744 30.74 17.58 -11.75
N GLN A 745 29.79 17.24 -12.62
CA GLN A 745 28.64 18.12 -13.00
C GLN A 745 27.81 18.48 -11.77
N LEU A 746 27.45 17.48 -10.95
CA LEU A 746 26.67 17.67 -9.69
C LEU A 746 27.42 18.62 -8.76
N SER A 747 28.67 18.32 -8.46
CA SER A 747 29.53 19.04 -7.47
C SER A 747 29.72 20.50 -7.91
N SER A 748 29.87 20.74 -9.21
CA SER A 748 30.38 22.02 -9.77
C SER A 748 29.22 23.02 -10.01
N GLY A 749 27.97 22.57 -9.96
CA GLY A 749 26.78 23.44 -10.04
C GLY A 749 26.15 23.48 -11.44
N PHE A 750 26.48 22.51 -12.29
CA PHE A 750 25.92 22.38 -13.66
C PHE A 750 24.39 22.36 -13.62
N PHE A 751 23.79 21.69 -12.62
CA PHE A 751 22.33 21.54 -12.45
C PHE A 751 21.75 22.54 -11.44
N SER A 752 22.57 23.43 -10.88
CA SER A 752 22.15 24.50 -9.95
C SER A 752 23.06 25.71 -10.12
N PRO A 753 23.03 26.40 -11.28
CA PRO A 753 23.97 27.47 -11.59
C PRO A 753 23.96 28.62 -10.56
N LYS A 754 22.76 29.00 -10.09
CA LYS A 754 22.56 30.08 -9.07
C LYS A 754 23.15 29.66 -7.72
N GLN A 755 23.10 28.36 -7.40
CA GLN A 755 23.53 27.81 -6.08
C GLN A 755 24.40 26.57 -6.30
N PRO A 756 25.70 26.75 -6.62
CA PRO A 756 26.54 25.64 -7.08
C PRO A 756 26.79 24.49 -6.08
N ASP A 757 26.62 24.71 -4.78
CA ASP A 757 26.88 23.69 -3.73
C ASP A 757 25.57 22.98 -3.34
N LEU A 758 24.48 23.23 -4.06
CA LEU A 758 23.11 22.76 -3.70
C LEU A 758 23.10 21.25 -3.45
N PHE A 759 23.79 20.47 -4.27
CA PHE A 759 23.71 18.98 -4.24
C PHE A 759 24.92 18.35 -3.54
N LYS A 760 25.67 19.12 -2.74
CA LYS A 760 26.90 18.63 -2.07
C LYS A 760 26.55 17.46 -1.15
N ASP A 761 25.41 17.52 -0.43
CA ASP A 761 24.97 16.45 0.50
C ASP A 761 24.72 15.16 -0.29
N ILE A 762 24.15 15.25 -1.49
CA ILE A 762 23.88 14.06 -2.34
C ILE A 762 25.23 13.45 -2.76
N VAL A 763 26.15 14.28 -3.24
CA VAL A 763 27.50 13.85 -3.72
C VAL A 763 28.23 13.20 -2.55
N ASN A 764 28.17 13.81 -1.36
CA ASN A 764 28.90 13.32 -0.16
C ASN A 764 28.33 11.96 0.24
N MET A 765 27.01 11.81 0.21
CA MET A 765 26.37 10.52 0.55
C MET A 765 26.82 9.44 -0.46
N LEU A 766 26.77 9.73 -1.76
CA LEU A 766 27.12 8.74 -2.81
C LEU A 766 28.59 8.31 -2.67
N MET A 767 29.49 9.24 -2.38
CA MET A 767 30.95 9.00 -2.30
C MET A 767 31.35 8.33 -0.99
N HIS A 768 30.71 8.62 0.14
CA HIS A 768 31.24 8.23 1.48
C HIS A 768 30.27 7.41 2.34
N HIS A 769 28.94 7.54 2.19
CA HIS A 769 27.98 7.01 3.19
C HIS A 769 26.78 6.33 2.51
N ASP A 770 26.97 5.66 1.37
CA ASP A 770 25.85 5.08 0.58
C ASP A 770 25.59 3.63 1.04
N ARG A 771 24.59 3.43 1.91
CA ARG A 771 24.14 2.10 2.39
C ARG A 771 23.61 1.26 1.23
N PHE A 772 23.23 1.88 0.10
CA PHE A 772 22.44 1.17 -0.95
C PHE A 772 23.23 0.98 -2.25
N LYS A 773 24.52 1.33 -2.26
CA LYS A 773 25.51 0.89 -3.28
C LYS A 773 25.04 1.28 -4.70
N VAL A 774 24.69 2.54 -4.88
CA VAL A 774 24.20 3.11 -6.17
C VAL A 774 25.26 2.90 -7.25
N PHE A 775 26.51 3.27 -6.98
CA PHE A 775 27.63 3.16 -7.98
C PHE A 775 27.85 1.71 -8.41
N ALA A 776 27.69 0.74 -7.49
CA ALA A 776 28.01 -0.69 -7.73
C ALA A 776 27.11 -1.28 -8.82
N ASP A 777 25.91 -0.73 -9.05
CA ASP A 777 24.98 -1.28 -10.08
C ASP A 777 24.92 -0.37 -11.31
N TYR A 778 25.68 0.72 -11.33
CA TYR A 778 25.58 1.77 -12.39
C TYR A 778 25.91 1.16 -13.76
N GLU A 779 27.05 0.49 -13.91
CA GLU A 779 27.51 0.01 -15.23
C GLU A 779 26.49 -0.98 -15.80
N GLU A 780 26.10 -2.00 -15.05
CA GLU A 780 25.15 -3.04 -15.50
C GLU A 780 23.78 -2.40 -15.82
N TYR A 781 23.36 -1.40 -15.07
CA TYR A 781 22.06 -0.71 -15.25
C TYR A 781 22.05 -0.01 -16.61
N VAL A 782 23.08 0.79 -16.89
CA VAL A 782 23.23 1.57 -18.16
C VAL A 782 23.27 0.59 -19.35
N LYS A 783 24.03 -0.50 -19.25
CA LYS A 783 24.13 -1.54 -20.32
C LYS A 783 22.75 -2.14 -20.55
N CYS A 784 22.05 -2.46 -19.47
CA CYS A 784 20.71 -3.10 -19.53
C CYS A 784 19.70 -2.14 -20.19
N GLN A 785 19.76 -0.84 -19.87
CA GLN A 785 18.91 0.23 -20.47
C GLN A 785 19.18 0.33 -21.99
N GLU A 786 20.41 0.06 -22.44
CA GLU A 786 20.75 0.04 -23.89
C GLU A 786 19.98 -1.10 -24.56
N ARG A 787 19.85 -2.25 -23.89
CA ARG A 787 19.12 -3.44 -24.41
C ARG A 787 17.61 -3.13 -24.47
N VAL A 788 17.08 -2.36 -23.54
CA VAL A 788 15.66 -1.91 -23.57
C VAL A 788 15.45 -1.08 -24.84
N SER A 789 16.31 -0.09 -25.08
CA SER A 789 16.24 0.84 -26.24
C SER A 789 16.30 0.02 -27.54
N ALA A 790 17.16 -0.99 -27.60
CA ALA A 790 17.35 -1.88 -28.77
C ALA A 790 16.03 -2.60 -29.06
N LEU A 791 15.38 -3.17 -28.04
CA LEU A 791 14.11 -3.91 -28.26
C LEU A 791 12.98 -2.96 -28.65
N TYR A 792 12.97 -1.73 -28.13
CA TYR A 792 11.85 -0.78 -28.37
C TYR A 792 11.84 -0.38 -29.87
N LYS A 793 13.01 -0.38 -30.53
CA LYS A 793 13.16 -0.11 -31.99
C LYS A 793 12.47 -1.18 -32.84
N ASN A 794 12.14 -2.35 -32.27
CA ASN A 794 11.41 -3.45 -32.96
C ASN A 794 10.02 -3.63 -32.32
N PRO A 795 9.03 -2.79 -32.72
CA PRO A 795 7.70 -2.82 -32.11
C PRO A 795 7.07 -4.23 -31.97
N ARG A 796 7.19 -5.07 -33.00
CA ARG A 796 6.55 -6.40 -33.00
C ARG A 796 7.17 -7.28 -31.89
N GLU A 797 8.50 -7.25 -31.73
CA GLU A 797 9.19 -8.11 -30.72
C GLU A 797 8.99 -7.53 -29.32
N TRP A 798 8.99 -6.21 -29.18
CA TRP A 798 8.58 -5.52 -27.92
C TRP A 798 7.19 -6.04 -27.50
N THR A 799 6.19 -5.98 -28.39
CA THR A 799 4.80 -6.35 -28.05
C THR A 799 4.71 -7.84 -27.73
N ARG A 800 5.43 -8.71 -28.44
CA ARG A 800 5.40 -10.17 -28.17
C ARG A 800 5.94 -10.41 -26.75
N MET A 801 6.97 -9.69 -26.34
CA MET A 801 7.54 -9.88 -24.97
C MET A 801 6.50 -9.38 -23.94
N VAL A 802 5.79 -8.31 -24.27
CA VAL A 802 4.71 -7.77 -23.41
C VAL A 802 3.64 -8.86 -23.25
N ILE A 803 3.22 -9.51 -24.34
CA ILE A 803 2.16 -10.54 -24.25
C ILE A 803 2.64 -11.66 -23.32
N ARG A 804 3.92 -12.03 -23.38
CA ARG A 804 4.49 -13.10 -22.50
C ARG A 804 4.42 -12.67 -21.02
N ASN A 805 4.56 -11.38 -20.73
CA ASN A 805 4.45 -10.84 -19.34
C ASN A 805 2.99 -10.87 -18.87
N ILE A 806 2.07 -10.28 -19.64
CA ILE A 806 0.63 -10.21 -19.25
C ILE A 806 0.13 -11.63 -19.02
N ALA A 807 0.49 -12.55 -19.93
CA ALA A 807 0.01 -13.95 -19.93
C ALA A 807 0.44 -14.69 -18.66
N THR A 808 1.55 -14.28 -18.02
CA THR A 808 2.11 -15.01 -16.84
C THR A 808 1.95 -14.17 -15.55
N SER A 809 1.10 -13.15 -15.55
CA SER A 809 0.88 -12.26 -14.38
C SER A 809 -0.14 -12.85 -13.39
N GLY A 810 -0.80 -13.97 -13.76
CA GLY A 810 -1.87 -14.62 -12.97
C GLY A 810 -1.51 -14.88 -11.51
N LYS A 811 -0.28 -15.35 -11.22
CA LYS A 811 0.16 -15.65 -9.83
C LYS A 811 0.01 -14.42 -8.92
N PHE A 812 0.08 -13.20 -9.47
CA PHE A 812 0.18 -11.94 -8.69
C PHE A 812 -1.20 -11.33 -8.44
N SER A 813 -2.26 -12.11 -8.62
CA SER A 813 -3.62 -11.75 -8.15
C SER A 813 -3.67 -11.87 -6.62
N SER A 814 -4.21 -10.86 -5.96
CA SER A 814 -4.42 -10.91 -4.49
C SER A 814 -5.46 -11.99 -4.16
N ASP A 815 -6.27 -12.48 -5.13
CA ASP A 815 -7.17 -13.63 -4.90
C ASP A 815 -6.34 -14.87 -4.55
N ARG A 816 -5.21 -15.08 -5.23
CA ARG A 816 -4.28 -16.20 -4.95
C ARG A 816 -3.69 -15.99 -3.54
N THR A 817 -3.19 -14.80 -3.26
CA THR A 817 -2.59 -14.46 -1.95
C THR A 817 -3.60 -14.77 -0.83
N ILE A 818 -4.82 -14.24 -0.93
CA ILE A 818 -5.85 -14.40 0.14
C ILE A 818 -6.26 -15.87 0.28
N ALA A 819 -6.37 -16.62 -0.83
CA ALA A 819 -6.69 -18.08 -0.76
C ALA A 819 -5.61 -18.78 0.08
N GLN A 820 -4.35 -18.36 -0.05
CA GLN A 820 -3.23 -18.98 0.71
C GLN A 820 -3.32 -18.57 2.18
N TYR A 821 -3.59 -17.31 2.50
CA TYR A 821 -3.81 -16.90 3.91
C TYR A 821 -4.96 -17.72 4.50
N ALA A 822 -6.05 -17.83 3.75
CA ALA A 822 -7.28 -18.52 4.20
C ALA A 822 -6.96 -19.98 4.55
N ARG A 823 -6.28 -20.71 3.66
CA ARG A 823 -6.06 -22.17 3.85
C ARG A 823 -4.91 -22.43 4.82
N GLU A 824 -3.84 -21.63 4.79
CA GLU A 824 -2.57 -21.97 5.50
C GLU A 824 -2.45 -21.24 6.84
N ILE A 825 -3.20 -20.16 7.08
CA ILE A 825 -3.10 -19.38 8.33
C ILE A 825 -4.46 -19.36 9.05
N TRP A 826 -5.53 -18.94 8.38
CA TRP A 826 -6.83 -18.65 9.04
C TRP A 826 -7.65 -19.93 9.24
N GLY A 827 -7.43 -20.96 8.42
CA GLY A 827 -8.16 -22.23 8.50
C GLY A 827 -9.59 -22.10 8.03
N VAL A 828 -9.83 -21.43 6.90
CA VAL A 828 -11.18 -21.25 6.31
C VAL A 828 -11.08 -21.50 4.80
N GLU A 829 -12.15 -21.99 4.19
CA GLU A 829 -12.18 -22.28 2.73
C GLU A 829 -12.81 -21.08 2.01
N PRO A 830 -12.14 -20.53 0.98
CA PRO A 830 -12.74 -19.52 0.12
C PRO A 830 -13.90 -20.10 -0.71
N SER A 831 -14.72 -19.23 -1.30
CA SER A 831 -15.91 -19.61 -2.13
C SER A 831 -16.15 -18.53 -3.19
N ARG A 832 -16.41 -18.93 -4.45
CA ARG A 832 -16.86 -18.02 -5.52
C ARG A 832 -18.39 -18.09 -5.65
N GLN A 833 -19.05 -18.87 -4.78
CA GLN A 833 -20.54 -19.00 -4.72
C GLN A 833 -21.18 -17.63 -4.47
N ARG A 834 -22.17 -17.27 -5.29
CA ARG A 834 -22.94 -16.00 -5.20
C ARG A 834 -23.97 -16.13 -4.07
N LEU A 835 -24.20 -15.05 -3.32
CA LEU A 835 -25.40 -14.87 -2.47
C LEU A 835 -26.55 -14.43 -3.38
N PRO A 836 -27.82 -14.72 -3.03
CA PRO A 836 -28.96 -14.22 -3.81
C PRO A 836 -29.06 -12.69 -3.74
N ALA A 837 -29.38 -12.04 -4.86
CA ALA A 837 -29.49 -10.56 -5.01
C ALA A 837 -30.74 -10.06 -4.28
N1 I0F B . 6.24 -1.59 3.43
C4 I0F B . 5.74 -4.31 0.23
C5 I0F B . 4.55 -3.65 0.95
C6 I0F B . 3.38 -4.62 1.11
C7 I0F B . 5.53 -0.55 3.88
C8 I0F B . 5.92 -0.03 5.27
C10 I0F B . 5.23 1.67 7.10
C13 I0F B . 5.44 3.23 9.45
C15 I0F B . 6.28 1.45 7.99
C17 I0F B . 6.76 3.93 11.40
C16 I0F B . 4.62 5.15 10.74
N13 I0F B . 5.55 4.03 10.57
C14 I0F B . 6.38 2.22 9.14
C12 I0F B . 4.39 3.44 8.54
C11 I0F B . 4.29 2.66 7.39
C9 I0F B . 5.03 1.00 5.89
C88 I0F B . 6.95 -0.70 5.93
N88 I0F B . 7.80 -1.26 6.37
O7 I0F B . 4.66 0.01 3.22
C1 I0F B . 5.98 -2.15 2.10
O5 I0F B . 4.95 -3.20 2.27
O6 I0F B . 3.82 -5.81 1.77
O4 I0F B . 5.37 -4.65 -1.11
C3 I0F B . 6.94 -3.37 0.19
O3 I0F B . 8.07 -4.07 -0.34
C2 I0F B . 7.25 -2.80 1.59
O2 I0F B . 8.26 -1.79 1.51
H13 I0F B . 7.01 -1.98 3.95
H41 I0F B . 6.04 -5.22 0.76
H5 I0F B . 4.22 -2.80 0.37
H62 I0F B . 2.60 -4.15 1.71
H61 I0F B . 2.98 -4.86 0.13
H15 I0F B . 7.04 0.69 7.81
H9N I0F B . 7.65 3.84 10.77
H9O I0F B . 6.68 3.06 12.07
H17 I0F B . 6.86 4.85 12.00
H9M I0F B . 3.60 4.78 10.79
H16 I0F B . 4.71 5.85 9.91
H9L I0F B . 4.84 5.68 11.66
H14 I0F B . 7.21 2.03 9.82
H12 I0F B . 3.63 4.20 8.70
H11 I0F B . 3.48 2.84 6.69
H9 I0F B . 4.30 1.45 5.21
H1 I0F B . 5.65 -1.38 1.40
H63 I0F B . 4.18 -5.58 2.66
H42 I0F B . 5.98 -4.18 -1.75
H31 I0F B . 6.71 -2.54 -0.49
H32 I0F B . 8.82 -4.03 0.32
H21 I0F B . 7.56 -3.60 2.24
H22 I0F B . 8.42 -1.42 2.42
C CO3 C . -10.64 -1.25 32.48
O1 CO3 C . -10.17 -2.35 32.90
O2 CO3 C . -11.76 -1.22 31.92
O3 CO3 C . -9.96 -0.19 32.61
C CO3 D . 16.38 -9.21 -21.88
O1 CO3 D . 17.26 -8.40 -22.30
O2 CO3 D . 15.13 -8.99 -22.12
O3 CO3 D . 16.73 -10.23 -21.22
C CO3 E . 6.35 6.55 14.70
O1 CO3 E . 6.04 5.42 14.29
O2 CO3 E . 6.92 7.35 13.91
O3 CO3 E . 6.14 6.89 15.91
C1 BME F . 19.60 -8.90 -19.49
C2 BME F . 20.26 -7.61 -19.10
O1 BME F . 18.90 -9.51 -18.41
S2 BME F . 19.30 -6.14 -19.55
H11 BME F . 20.28 -9.52 -19.82
H12 BME F . 18.97 -8.73 -20.21
H21 BME F . 21.13 -7.55 -19.54
H22 BME F . 20.40 -7.60 -18.13
HO1 BME F . 18.46 -10.25 -18.57
HS2 BME F . 18.19 -6.63 -19.47
#